data_6GEY
#
_entry.id   6GEY
#
_cell.length_a   74.714
_cell.length_b   89.968
_cell.length_c   82.761
_cell.angle_alpha   90.00
_cell.angle_beta   115.55
_cell.angle_gamma   90.00
#
_symmetry.space_group_name_H-M   'P 1 21 1'
#
loop_
_entity.id
_entity.type
_entity.pdbx_description
1 polymer 'Pteridine reductase'
2 non-polymer 'NADP NICOTINAMIDE-ADENINE-DINUCLEOTIDE PHOSPHATE'
3 non-polymer 2-azanyl-~{N}-[(3,4-dichlorophenyl)methyl]-1,3-benzothiazole-6-carboxamide
4 non-polymer 'DIMETHYL SULFOXIDE'
5 non-polymer 'ACETATE ION'
6 water water
#
_entity_poly.entity_id   1
_entity_poly.type   'polypeptide(L)'
_entity_poly.pdbx_seq_one_letter_code
;MGSSHHHHHHSSGLVPRGSHMEAPAAVVTGAAKRIGRAIAVKLHQTGYRVVIHYHNSAEAAVSLADELNKERSNTAVVCQ
ADLTNSNVLPASCEEIINSCFRAFGRCDVLVNNASAFYPTPLVQGDHEDNSNGKTVETQVAELIGTNAIAPFLLTMSFAQ
RQKGTNPNCTSSNLSIVNLCDAMVDQPCMAFSLYNMGKHALVGLTQSAALELAPYGIRVNGVAPGVSLLPVAMGEEEKDK
WRRKVPLGRREASAEQIADAVIFLVSGSAQYITGSIIKVDGGLSLVHA
;
_entity_poly.pdbx_strand_id   A,B,C,D
#
loop_
_chem_comp.id
_chem_comp.type
_chem_comp.name
_chem_comp.formula
ACT non-polymer 'ACETATE ION' 'C2 H3 O2 -1'
DMS non-polymer 'DIMETHYL SULFOXIDE' 'C2 H6 O S'
EWT non-polymer 2-azanyl-~{N}-[(3,4-dichlorophenyl)methyl]-1,3-benzothiazole-6-carboxamide 'C15 H11 Cl2 N3 O S'
NAP non-polymer 'NADP NICOTINAMIDE-ADENINE-DINUCLEOTIDE PHOSPHATE' 'C21 H28 N7 O17 P3'
#
# COMPACT_ATOMS: atom_id res chain seq x y z
N MET A 21 31.82 -5.42 -26.63
CA MET A 21 32.78 -4.30 -26.31
C MET A 21 32.40 -3.46 -25.03
N GLU A 22 32.94 -2.24 -24.88
CA GLU A 22 32.93 -1.52 -23.58
C GLU A 22 31.73 -0.54 -23.32
N ALA A 23 30.89 -0.29 -24.31
CA ALA A 23 29.61 0.34 -24.06
C ALA A 23 28.65 -0.72 -23.47
N PRO A 24 27.90 -0.36 -22.42
CA PRO A 24 26.87 -1.31 -22.01
C PRO A 24 25.73 -1.51 -23.07
N ALA A 25 24.92 -2.57 -22.84
CA ALA A 25 23.87 -2.91 -23.79
C ALA A 25 22.56 -3.14 -23.08
N ALA A 26 21.48 -2.75 -23.74
CA ALA A 26 20.16 -2.91 -23.12
C ALA A 26 19.19 -3.55 -24.10
N VAL A 27 18.25 -4.35 -23.55
CA VAL A 27 17.06 -4.80 -24.30
C VAL A 27 15.83 -3.97 -23.88
N VAL A 28 15.11 -3.43 -24.86
CA VAL A 28 13.86 -2.72 -24.61
C VAL A 28 12.73 -3.45 -25.36
N THR A 29 11.72 -3.97 -24.64
CA THR A 29 10.64 -4.68 -25.36
C THR A 29 9.59 -3.68 -25.84
N GLY A 30 8.96 -3.98 -26.98
CA GLY A 30 7.96 -3.10 -27.59
C GLY A 30 8.54 -1.72 -27.80
N ALA A 31 9.78 -1.71 -28.33
CA ALA A 31 10.52 -0.42 -28.49
C ALA A 31 10.33 0.32 -29.84
N ALA A 32 9.44 -0.15 -30.74
CA ALA A 32 9.34 0.56 -32.03
C ALA A 32 8.76 1.95 -31.96
N LYS A 33 7.89 2.18 -30.98
CA LYS A 33 7.03 3.36 -30.98
CA LYS A 33 7.14 3.44 -30.97
C LYS A 33 6.83 3.83 -29.53
N ARG A 34 6.32 5.04 -29.38
CA ARG A 34 5.72 5.50 -28.14
C ARG A 34 6.72 5.43 -26.99
N ILE A 35 6.30 4.92 -25.83
CA ILE A 35 7.18 4.99 -24.68
C ILE A 35 8.44 4.11 -24.83
N GLY A 36 8.29 2.90 -25.39
CA GLY A 36 9.44 2.04 -25.54
C GLY A 36 10.50 2.65 -26.46
N ARG A 37 10.08 3.31 -27.53
CA ARG A 37 11.05 4.08 -28.37
C ARG A 37 11.77 5.18 -27.58
N ALA A 38 11.02 5.93 -26.77
CA ALA A 38 11.63 7.04 -26.00
C ALA A 38 12.68 6.49 -25.02
N ILE A 39 12.39 5.33 -24.43
CA ILE A 39 13.32 4.66 -23.51
C ILE A 39 14.59 4.20 -24.30
N ALA A 40 14.39 3.53 -25.44
CA ALA A 40 15.57 3.07 -26.24
C ALA A 40 16.40 4.28 -26.70
N VAL A 41 15.75 5.36 -27.13
CA VAL A 41 16.45 6.56 -27.59
C VAL A 41 17.28 7.16 -26.46
N LYS A 42 16.66 7.30 -25.27
CA LYS A 42 17.34 7.92 -24.15
CA LYS A 42 17.33 7.93 -24.14
C LYS A 42 18.46 7.04 -23.66
N LEU A 43 18.24 5.72 -23.69
CA LEU A 43 19.36 4.84 -23.29
C LEU A 43 20.52 5.02 -24.28
N HIS A 44 20.17 5.09 -25.56
CA HIS A 44 21.17 5.21 -26.64
C HIS A 44 21.94 6.55 -26.49
N GLN A 45 21.22 7.64 -26.19
CA GLN A 45 21.86 8.96 -25.90
C GLN A 45 22.79 8.98 -24.68
N THR A 46 22.54 8.11 -23.70
CA THR A 46 23.35 7.92 -22.51
C THR A 46 24.57 7.01 -22.76
N GLY A 47 24.64 6.41 -23.94
CA GLY A 47 25.75 5.57 -24.28
C GLY A 47 25.51 4.08 -24.42
N TYR A 48 24.24 3.63 -24.32
CA TYR A 48 23.97 2.18 -24.45
C TYR A 48 23.90 1.77 -25.91
N ARG A 49 24.30 0.54 -26.16
CA ARG A 49 23.86 -0.21 -27.35
C ARG A 49 22.51 -0.85 -27.01
N VAL A 50 21.58 -0.85 -27.98
CA VAL A 50 20.20 -1.27 -27.73
C VAL A 50 19.69 -2.37 -28.68
N VAL A 51 18.94 -3.34 -28.12
CA VAL A 51 18.09 -4.24 -28.89
C VAL A 51 16.70 -3.65 -28.88
N ILE A 52 16.23 -3.28 -30.07
CA ILE A 52 14.86 -2.82 -30.22
C ILE A 52 13.92 -4.05 -30.50
N HIS A 53 13.21 -4.52 -29.47
CA HIS A 53 12.25 -5.64 -29.69
C HIS A 53 10.98 -5.07 -30.26
N TYR A 54 10.35 -5.80 -31.20
CA TYR A 54 9.07 -5.44 -31.72
C TYR A 54 8.24 -6.71 -32.05
N HIS A 55 6.96 -6.51 -32.25
CA HIS A 55 6.08 -7.66 -32.57
C HIS A 55 5.59 -7.47 -34.01
N ASN A 56 4.67 -6.51 -34.21
CA ASN A 56 4.08 -6.21 -35.51
C ASN A 56 4.72 -5.01 -36.19
N SER A 57 5.42 -4.15 -35.43
CA SER A 57 5.82 -2.81 -35.95
C SER A 57 7.17 -2.87 -36.61
N ALA A 58 7.28 -3.66 -37.68
CA ALA A 58 8.59 -3.94 -38.29
C ALA A 58 9.23 -2.73 -38.94
N GLU A 59 8.42 -1.96 -39.64
CA GLU A 59 8.88 -0.78 -40.38
C GLU A 59 9.36 0.26 -39.32
N ALA A 60 8.56 0.47 -38.29
CA ALA A 60 8.94 1.47 -37.26
C ALA A 60 10.21 1.02 -36.50
N ALA A 61 10.36 -0.27 -36.24
CA ALA A 61 11.57 -0.77 -35.54
C ALA A 61 12.87 -0.58 -36.33
N VAL A 62 12.82 -0.89 -37.63
CA VAL A 62 14.03 -0.84 -38.49
C VAL A 62 14.39 0.61 -38.70
N SER A 63 13.37 1.45 -38.84
CA SER A 63 13.58 2.90 -39.02
C SER A 63 14.29 3.53 -37.78
N LEU A 64 13.85 3.16 -36.59
CA LEU A 64 14.55 3.57 -35.35
C LEU A 64 15.96 3.06 -35.29
N ALA A 65 16.18 1.79 -35.59
CA ALA A 65 17.55 1.22 -35.50
C ALA A 65 18.47 1.94 -36.48
N ASP A 66 17.94 2.24 -37.69
CA ASP A 66 18.68 3.01 -38.72
C ASP A 66 19.07 4.35 -38.18
N GLU A 67 18.12 5.07 -37.56
CA GLU A 67 18.39 6.39 -36.99
C GLU A 67 19.52 6.32 -35.96
N LEU A 68 19.46 5.32 -35.07
CA LEU A 68 20.47 5.14 -34.01
C LEU A 68 21.83 4.78 -34.56
N ASN A 69 21.83 3.88 -35.56
CA ASN A 69 23.09 3.42 -36.18
C ASN A 69 23.80 4.53 -36.98
N LYS A 70 23.00 5.44 -37.54
CA LYS A 70 23.50 6.65 -38.18
C LYS A 70 24.16 7.55 -37.18
N GLU A 71 23.62 7.67 -35.97
CA GLU A 71 24.31 8.42 -34.91
C GLU A 71 25.59 7.74 -34.45
N ARG A 72 25.57 6.43 -34.26
CA ARG A 72 26.80 5.68 -33.88
C ARG A 72 26.66 4.30 -34.45
N SER A 73 27.54 3.88 -35.36
CA SER A 73 27.33 2.56 -35.99
C SER A 73 27.55 1.35 -35.10
N ASN A 74 26.84 0.28 -35.50
CA ASN A 74 26.83 -1.01 -34.79
C ASN A 74 26.30 -0.80 -33.34
N THR A 75 25.39 0.13 -33.16
CA THR A 75 24.87 0.34 -31.77
C THR A 75 23.35 -0.02 -31.56
N ALA A 76 22.62 -0.35 -32.62
CA ALA A 76 21.21 -0.76 -32.49
C ALA A 76 20.96 -1.98 -33.38
N VAL A 77 20.21 -2.98 -32.87
CA VAL A 77 19.67 -4.10 -33.67
C VAL A 77 18.18 -4.25 -33.33
N VAL A 78 17.40 -4.81 -34.26
CA VAL A 78 16.01 -5.18 -33.93
C VAL A 78 15.90 -6.66 -33.62
N CYS A 79 14.82 -7.04 -32.90
CA CYS A 79 14.52 -8.45 -32.65
C CYS A 79 12.99 -8.66 -32.54
N GLN A 80 12.43 -9.54 -33.41
CA GLN A 80 11.00 -9.72 -33.50
C GLN A 80 10.59 -10.85 -32.59
N ALA A 81 9.50 -10.67 -31.83
CA ALA A 81 8.88 -11.75 -31.07
C ALA A 81 7.47 -11.41 -30.63
N ASP A 82 6.58 -12.41 -30.73
CA ASP A 82 5.32 -12.36 -30.06
C ASP A 82 5.57 -12.74 -28.58
N LEU A 83 5.04 -11.92 -27.67
CA LEU A 83 5.10 -12.15 -26.23
C LEU A 83 3.82 -12.66 -25.62
N THR A 84 2.86 -13.06 -26.46
CA THR A 84 1.65 -13.71 -26.00
C THR A 84 2.12 -15.00 -25.31
N ASN A 85 1.49 -15.41 -24.22
CA ASN A 85 1.85 -16.68 -23.56
C ASN A 85 1.54 -17.91 -24.50
N SER A 86 2.46 -18.87 -24.53
CA SER A 86 2.23 -20.17 -25.24
C SER A 86 3.33 -21.08 -24.72
N ASN A 87 3.37 -22.35 -25.18
CA ASN A 87 4.50 -23.23 -24.73
C ASN A 87 5.86 -22.82 -25.34
N VAL A 88 5.86 -21.98 -26.36
CA VAL A 88 7.14 -21.48 -26.91
C VAL A 88 7.59 -20.10 -26.38
N LEU A 89 6.80 -19.52 -25.48
CA LEU A 89 7.20 -18.16 -25.02
C LEU A 89 8.53 -18.23 -24.32
N PRO A 90 8.83 -19.31 -23.53
CA PRO A 90 10.17 -19.32 -22.93
C PRO A 90 11.31 -19.28 -23.95
N ALA A 91 11.14 -20.05 -25.02
CA ALA A 91 12.11 -19.96 -26.10
C ALA A 91 12.24 -18.57 -26.70
N SER A 92 11.11 -17.90 -26.98
CA SER A 92 11.18 -16.57 -27.58
C SER A 92 11.86 -15.57 -26.64
N CYS A 93 11.60 -15.71 -25.32
CA CYS A 93 12.26 -14.78 -24.35
C CYS A 93 13.74 -15.08 -24.24
N GLU A 94 14.13 -16.36 -24.14
CA GLU A 94 15.54 -16.75 -24.27
C GLU A 94 16.24 -16.14 -25.51
N GLU A 95 15.51 -16.10 -26.64
CA GLU A 95 16.05 -15.57 -27.89
C GLU A 95 16.24 -14.06 -27.88
N ILE A 96 15.31 -13.35 -27.24
CA ILE A 96 15.47 -11.88 -27.11
C ILE A 96 16.78 -11.58 -26.36
N ILE A 97 16.95 -12.21 -25.21
CA ILE A 97 18.20 -11.99 -24.43
C ILE A 97 19.42 -12.46 -25.26
N ASN A 98 19.29 -13.64 -25.88
CA ASN A 98 20.36 -14.15 -26.75
C ASN A 98 20.74 -13.13 -27.82
N SER A 99 19.76 -12.41 -28.42
CA SER A 99 20.09 -11.48 -29.49
CA SER A 99 20.07 -11.47 -29.49
C SER A 99 20.98 -10.34 -29.00
N CYS A 100 20.83 -9.96 -27.72
CA CYS A 100 21.64 -8.89 -27.15
C CYS A 100 23.07 -9.40 -27.02
N PHE A 101 23.25 -10.60 -26.48
CA PHE A 101 24.62 -11.15 -26.45
C PHE A 101 25.24 -11.37 -27.82
N ARG A 102 24.44 -11.75 -28.83
CA ARG A 102 25.01 -12.00 -30.18
C ARG A 102 25.45 -10.69 -30.80
N ALA A 103 24.63 -9.62 -30.68
CA ALA A 103 25.05 -8.35 -31.19
C ALA A 103 26.16 -7.69 -30.41
N PHE A 104 26.13 -7.72 -29.07
CA PHE A 104 26.98 -6.81 -28.28
C PHE A 104 27.87 -7.48 -27.29
N GLY A 105 27.73 -8.78 -27.08
CA GLY A 105 28.65 -9.50 -26.17
C GLY A 105 28.29 -9.37 -24.68
N ARG A 106 27.19 -8.72 -24.41
CA ARG A 106 26.78 -8.47 -22.99
C ARG A 106 25.33 -7.99 -22.98
N CYS A 107 24.72 -8.01 -21.79
CA CYS A 107 23.35 -7.49 -21.67
C CYS A 107 23.25 -6.93 -20.25
N ASP A 108 23.31 -5.59 -20.13
CA ASP A 108 23.39 -4.97 -18.77
C ASP A 108 22.04 -4.62 -18.22
N VAL A 109 21.12 -4.31 -19.14
CA VAL A 109 19.81 -3.74 -18.76
C VAL A 109 18.68 -4.40 -19.57
N LEU A 110 17.58 -4.74 -18.87
CA LEU A 110 16.33 -5.25 -19.47
C LEU A 110 15.19 -4.28 -19.12
N VAL A 111 14.50 -3.73 -20.11
CA VAL A 111 13.33 -2.88 -19.85
C VAL A 111 12.06 -3.64 -20.36
N ASN A 112 11.18 -4.07 -19.43
CA ASN A 112 9.92 -4.80 -19.81
C ASN A 112 8.87 -3.73 -20.01
N ASN A 113 8.72 -3.32 -21.26
CA ASN A 113 7.84 -2.23 -21.66
C ASN A 113 6.64 -2.71 -22.50
N ALA A 114 6.83 -3.76 -23.32
CA ALA A 114 5.76 -4.23 -24.25
C ALA A 114 4.51 -4.62 -23.45
N SER A 115 3.34 -4.27 -23.95
CA SER A 115 2.15 -4.51 -23.18
C SER A 115 0.93 -4.57 -24.09
N ALA A 116 0.04 -5.54 -23.82
CA ALA A 116 -1.30 -5.53 -24.45
C ALA A 116 -2.27 -4.83 -23.51
N PHE A 117 -3.23 -4.07 -24.06
CA PHE A 117 -4.12 -3.26 -23.21
C PHE A 117 -5.47 -3.15 -23.89
N TYR A 118 -6.52 -3.78 -23.32
CA TYR A 118 -7.88 -3.68 -23.89
C TYR A 118 -8.86 -4.31 -22.88
N PRO A 119 -10.15 -3.96 -22.97
CA PRO A 119 -11.13 -4.37 -21.96
C PRO A 119 -11.47 -5.86 -22.09
N THR A 120 -11.84 -6.47 -20.97
CA THR A 120 -12.27 -7.87 -20.90
C THR A 120 -13.44 -7.88 -19.93
N PRO A 121 -14.62 -7.40 -20.35
CA PRO A 121 -15.76 -7.33 -19.38
C PRO A 121 -16.09 -8.72 -18.78
N LEU A 122 -16.36 -8.68 -17.49
CA LEU A 122 -16.78 -9.89 -16.77
C LEU A 122 -18.20 -10.34 -17.09
N VAL A 123 -19.06 -9.38 -17.44
CA VAL A 123 -20.45 -9.72 -17.80
C VAL A 123 -20.61 -9.28 -19.22
N GLN A 124 -20.64 -10.26 -20.11
CA GLN A 124 -20.40 -10.03 -21.54
C GLN A 124 -21.41 -10.81 -22.35
N GLY A 133 -13.51 -10.18 -31.18
CA GLY A 133 -13.83 -11.57 -31.47
C GLY A 133 -12.79 -12.59 -31.00
N LYS A 134 -12.01 -12.23 -29.96
CA LYS A 134 -11.06 -13.20 -29.32
C LYS A 134 -11.72 -14.13 -28.31
N THR A 135 -11.20 -15.33 -28.17
CA THR A 135 -11.62 -16.26 -27.13
C THR A 135 -11.02 -15.75 -25.79
N VAL A 136 -11.67 -16.09 -24.70
CA VAL A 136 -11.19 -15.67 -23.38
C VAL A 136 -9.74 -16.22 -23.19
N GLU A 137 -9.45 -17.42 -23.74
CA GLU A 137 -8.11 -17.99 -23.50
C GLU A 137 -7.06 -17.21 -24.26
N THR A 138 -7.46 -16.64 -25.40
CA THR A 138 -6.57 -15.74 -26.15
C THR A 138 -6.34 -14.42 -25.36
N GLN A 139 -7.40 -13.91 -24.76
CA GLN A 139 -7.29 -12.68 -23.95
C GLN A 139 -6.33 -12.90 -22.79
N VAL A 140 -6.47 -14.04 -22.09
CA VAL A 140 -5.55 -14.39 -20.98
C VAL A 140 -4.12 -14.48 -21.49
N ALA A 141 -3.88 -15.21 -22.59
CA ALA A 141 -2.54 -15.39 -23.08
C ALA A 141 -1.90 -14.03 -23.42
N GLU A 142 -2.67 -13.16 -24.09
CA GLU A 142 -2.14 -11.86 -24.50
C GLU A 142 -1.92 -10.90 -23.32
N LEU A 143 -2.97 -10.74 -22.47
CA LEU A 143 -2.90 -9.69 -21.44
C LEU A 143 -2.04 -10.14 -20.28
N ILE A 144 -2.16 -11.41 -19.86
CA ILE A 144 -1.25 -11.94 -18.85
C ILE A 144 0.16 -12.28 -19.39
N GLY A 145 0.23 -12.86 -20.62
CA GLY A 145 1.55 -13.14 -21.21
C GLY A 145 2.40 -11.86 -21.39
N THR A 146 1.88 -10.83 -22.05
CA THR A 146 2.72 -9.67 -22.37
C THR A 146 3.03 -8.91 -21.08
N ASN A 147 2.05 -8.81 -20.16
CA ASN A 147 2.25 -7.91 -19.01
C ASN A 147 2.97 -8.57 -17.87
N ALA A 148 2.96 -9.88 -17.85
CA ALA A 148 3.51 -10.57 -16.66
C ALA A 148 4.38 -11.79 -16.95
N ILE A 149 3.90 -12.71 -17.81
CA ILE A 149 4.63 -13.95 -17.95
CA ILE A 149 4.63 -13.96 -17.98
C ILE A 149 5.92 -13.70 -18.76
N ALA A 150 5.81 -12.95 -19.83
CA ALA A 150 7.06 -12.64 -20.64
C ALA A 150 8.11 -11.87 -19.77
N PRO A 151 7.67 -10.87 -18.96
CA PRO A 151 8.63 -10.25 -18.05
C PRO A 151 9.33 -11.28 -17.15
N PHE A 152 8.58 -12.28 -16.65
CA PHE A 152 9.16 -13.28 -15.76
C PHE A 152 10.18 -14.11 -16.51
N LEU A 153 9.81 -14.56 -17.71
CA LEU A 153 10.74 -15.43 -18.50
C LEU A 153 11.99 -14.64 -18.97
N LEU A 154 11.79 -13.39 -19.38
CA LEU A 154 12.94 -12.55 -19.77
C LEU A 154 13.83 -12.29 -18.57
N THR A 155 13.24 -12.15 -17.38
CA THR A 155 14.02 -11.93 -16.17
C THR A 155 14.88 -13.18 -15.88
N MET A 156 14.25 -14.35 -15.95
CA MET A 156 14.98 -15.62 -15.80
C MET A 156 16.14 -15.69 -16.81
N SER A 157 15.83 -15.43 -18.10
CA SER A 157 16.89 -15.53 -19.14
C SER A 157 17.99 -14.51 -18.93
N PHE A 158 17.60 -13.26 -18.61
CA PHE A 158 18.57 -12.18 -18.32
C PHE A 158 19.50 -12.62 -17.21
N ALA A 159 18.92 -13.11 -16.11
CA ALA A 159 19.72 -13.51 -14.92
C ALA A 159 20.60 -14.74 -15.21
N GLN A 160 20.09 -15.73 -15.95
CA GLN A 160 20.83 -16.97 -16.16
CA GLN A 160 20.80 -16.99 -16.22
C GLN A 160 22.07 -16.72 -17.05
N ARG A 161 21.95 -15.81 -17.99
CA ARG A 161 23.06 -15.47 -18.94
C ARG A 161 24.04 -14.46 -18.34
N GLN A 162 24.14 -14.31 -17.03
CA GLN A 162 25.13 -13.35 -16.48
C GLN A 162 26.54 -13.95 -16.30
N LYS A 163 27.57 -13.08 -16.40
CA LYS A 163 28.99 -13.42 -16.24
C LYS A 163 29.36 -13.54 -14.74
N SER A 172 30.47 -2.71 -13.33
CA SER A 172 29.19 -3.02 -14.00
C SER A 172 27.91 -2.77 -13.16
N ASN A 173 26.83 -2.47 -13.87
CA ASN A 173 25.64 -2.01 -13.18
C ASN A 173 24.41 -2.67 -13.82
N LEU A 174 24.11 -3.91 -13.37
CA LEU A 174 23.01 -4.67 -14.00
C LEU A 174 21.66 -4.35 -13.36
N SER A 175 20.66 -4.08 -14.21
CA SER A 175 19.32 -3.93 -13.65
C SER A 175 18.21 -4.17 -14.69
N ILE A 176 16.97 -4.29 -14.14
CA ILE A 176 15.72 -4.52 -14.88
C ILE A 176 14.76 -3.43 -14.48
N VAL A 177 14.04 -2.90 -15.43
CA VAL A 177 13.01 -1.92 -15.08
C VAL A 177 11.74 -2.43 -15.73
N ASN A 178 10.70 -2.60 -14.88
CA ASN A 178 9.37 -3.01 -15.39
C ASN A 178 8.46 -1.83 -15.55
N LEU A 179 7.75 -1.74 -16.68
CA LEU A 179 6.79 -0.62 -16.83
C LEU A 179 5.45 -1.08 -16.24
N CYS A 180 5.07 -0.37 -15.17
CA CYS A 180 3.97 -0.83 -14.31
C CYS A 180 2.82 0.16 -14.62
N ASP A 181 1.89 0.41 -13.68
CA ASP A 181 0.76 1.27 -13.95
C ASP A 181 0.41 1.91 -12.57
N ALA A 182 0.37 3.26 -12.51
CA ALA A 182 0.13 3.97 -11.24
C ALA A 182 -1.32 3.79 -10.81
N MET A 183 -2.20 3.45 -11.75
CA MET A 183 -3.59 3.33 -11.42
C MET A 183 -4.09 1.89 -11.13
N VAL A 184 -3.16 0.99 -10.80
CA VAL A 184 -3.58 -0.45 -10.59
C VAL A 184 -4.55 -0.64 -9.40
N ASP A 185 -4.52 0.29 -8.43
CA ASP A 185 -5.52 0.23 -7.37
C ASP A 185 -6.76 1.03 -7.59
N GLN A 186 -6.85 1.75 -8.68
CA GLN A 186 -8.07 2.50 -8.99
C GLN A 186 -8.36 2.19 -10.47
N PRO A 187 -8.62 0.90 -10.77
CA PRO A 187 -8.56 0.46 -12.19
C PRO A 187 -9.73 1.00 -13.07
N CYS A 188 -9.52 1.03 -14.41
CA CYS A 188 -10.57 1.36 -15.35
C CYS A 188 -11.59 0.22 -15.33
N MET A 189 -12.84 0.60 -15.44
CA MET A 189 -13.94 -0.34 -15.47
C MET A 189 -13.78 -1.36 -16.61
N ALA A 190 -14.02 -2.64 -16.33
CA ALA A 190 -13.99 -3.75 -17.34
C ALA A 190 -12.59 -4.13 -17.86
N PHE A 191 -11.53 -3.69 -17.16
CA PHE A 191 -10.18 -4.12 -17.51
C PHE A 191 -9.57 -5.15 -16.55
N SER A 192 -10.33 -6.14 -16.00
CA SER A 192 -9.74 -7.06 -14.98
CA SER A 192 -9.76 -7.11 -15.01
C SER A 192 -8.47 -7.80 -15.42
N LEU A 193 -8.44 -8.38 -16.61
CA LEU A 193 -7.26 -9.13 -16.98
C LEU A 193 -6.06 -8.23 -17.14
N TYR A 194 -6.21 -7.05 -17.72
CA TYR A 194 -5.07 -6.17 -17.88
C TYR A 194 -4.58 -5.81 -16.43
N ASN A 195 -5.51 -5.53 -15.52
CA ASN A 195 -5.14 -5.13 -14.17
CA ASN A 195 -5.05 -5.11 -14.19
C ASN A 195 -4.46 -6.26 -13.42
N MET A 196 -4.98 -7.47 -13.64
CA MET A 196 -4.35 -8.64 -13.02
C MET A 196 -2.90 -8.76 -13.47
N GLY A 197 -2.69 -8.62 -14.78
CA GLY A 197 -1.33 -8.72 -15.32
C GLY A 197 -0.40 -7.64 -14.73
N LYS A 198 -0.85 -6.40 -14.66
CA LYS A 198 -0.01 -5.34 -14.05
C LYS A 198 0.23 -5.57 -12.53
N HIS A 199 -0.75 -6.13 -11.80
CA HIS A 199 -0.49 -6.48 -10.38
C HIS A 199 0.54 -7.58 -10.30
N ALA A 200 0.41 -8.56 -11.22
CA ALA A 200 1.40 -9.65 -11.21
C ALA A 200 2.77 -9.07 -11.47
N LEU A 201 2.84 -8.05 -12.31
CA LEU A 201 4.16 -7.41 -12.62
C LEU A 201 4.75 -6.71 -11.36
N VAL A 202 3.88 -6.11 -10.52
CA VAL A 202 4.37 -5.61 -9.21
C VAL A 202 4.98 -6.74 -8.38
N GLY A 203 4.27 -7.88 -8.27
CA GLY A 203 4.82 -9.02 -7.55
C GLY A 203 6.13 -9.54 -8.13
N LEU A 204 6.21 -9.65 -9.49
CA LEU A 204 7.48 -9.98 -10.11
C LEU A 204 8.61 -9.00 -9.70
N THR A 205 8.32 -7.70 -9.79
CA THR A 205 9.31 -6.68 -9.43
C THR A 205 9.88 -6.93 -7.99
N GLN A 206 8.99 -7.24 -7.04
CA GLN A 206 9.39 -7.39 -5.67
C GLN A 206 10.13 -8.72 -5.46
N SER A 207 9.55 -9.80 -6.00
CA SER A 207 10.14 -11.16 -5.88
C SER A 207 11.50 -11.22 -6.54
N ALA A 208 11.57 -10.66 -7.72
CA ALA A 208 12.88 -10.73 -8.46
C ALA A 208 13.91 -9.78 -7.78
N ALA A 209 13.47 -8.59 -7.25
CA ALA A 209 14.45 -7.73 -6.58
C ALA A 209 15.06 -8.51 -5.45
N LEU A 210 14.21 -9.16 -4.63
CA LEU A 210 14.67 -9.99 -3.56
C LEU A 210 15.69 -11.08 -3.97
N GLU A 211 15.31 -11.87 -4.97
CA GLU A 211 16.04 -13.06 -5.35
C GLU A 211 17.33 -12.74 -6.13
N LEU A 212 17.34 -11.67 -6.91
CA LEU A 212 18.50 -11.32 -7.75
C LEU A 212 19.45 -10.34 -7.09
N ALA A 213 19.05 -9.80 -5.94
CA ALA A 213 19.96 -8.90 -5.16
C ALA A 213 21.33 -9.52 -4.94
N PRO A 214 21.41 -10.80 -4.48
CA PRO A 214 22.74 -11.44 -4.33
C PRO A 214 23.59 -11.48 -5.62
N TYR A 215 22.97 -11.37 -6.80
CA TYR A 215 23.70 -11.32 -8.05
C TYR A 215 24.07 -9.91 -8.48
N GLY A 216 23.67 -8.94 -7.68
CA GLY A 216 23.94 -7.58 -7.99
C GLY A 216 23.03 -7.11 -9.06
N ILE A 217 21.92 -7.82 -9.32
CA ILE A 217 20.94 -7.33 -10.30
C ILE A 217 19.83 -6.58 -9.55
N ARG A 218 19.63 -5.28 -9.85
CA ARG A 218 18.52 -4.50 -9.26
C ARG A 218 17.26 -4.64 -10.14
N VAL A 219 16.09 -4.65 -9.50
CA VAL A 219 14.81 -4.74 -10.23
C VAL A 219 13.85 -3.73 -9.69
N ASN A 220 13.44 -2.79 -10.55
CA ASN A 220 12.59 -1.64 -10.15
C ASN A 220 11.51 -1.48 -11.18
N GLY A 221 10.57 -0.58 -10.90
CA GLY A 221 9.48 -0.29 -11.85
C GLY A 221 9.29 1.22 -11.99
N VAL A 222 8.67 1.60 -13.12
CA VAL A 222 8.24 2.97 -13.38
C VAL A 222 6.75 2.83 -13.70
N ALA A 223 5.92 3.66 -13.02
CA ALA A 223 4.48 3.48 -13.09
C ALA A 223 3.85 4.77 -13.64
N PRO A 224 3.64 4.87 -14.97
CA PRO A 224 2.89 6.05 -15.53
C PRO A 224 1.45 6.10 -15.05
N GLY A 225 0.87 7.29 -15.07
CA GLY A 225 -0.55 7.44 -14.89
C GLY A 225 -1.17 7.48 -16.29
N VAL A 226 -1.41 8.68 -16.79
CA VAL A 226 -1.63 8.84 -18.22
C VAL A 226 -0.41 9.45 -18.87
N SER A 227 0.09 8.76 -19.87
CA SER A 227 1.16 9.28 -20.68
C SER A 227 0.53 9.29 -22.07
N LEU A 228 1.24 8.79 -23.07
CA LEU A 228 0.71 8.89 -24.45
C LEU A 228 -0.58 8.15 -24.49
N LEU A 229 -1.64 8.87 -24.83
CA LEU A 229 -2.92 8.29 -24.88
C LEU A 229 -3.04 7.36 -26.12
N PRO A 230 -3.98 6.39 -26.07
CA PRO A 230 -4.09 5.45 -27.21
C PRO A 230 -4.37 6.21 -28.52
N VAL A 231 -3.72 5.77 -29.61
CA VAL A 231 -3.94 6.35 -30.97
C VAL A 231 -5.44 6.35 -31.36
N ALA A 232 -6.15 5.29 -30.97
CA ALA A 232 -7.60 5.14 -31.22
C ALA A 232 -8.50 6.17 -30.50
N MET A 233 -7.97 6.84 -29.47
CA MET A 233 -8.81 7.67 -28.63
C MET A 233 -9.12 9.01 -29.29
N GLY A 234 -10.36 9.48 -29.20
CA GLY A 234 -10.70 10.80 -29.76
C GLY A 234 -10.15 11.89 -28.86
N GLU A 235 -9.95 13.10 -29.42
CA GLU A 235 -9.44 14.23 -28.64
C GLU A 235 -10.32 14.56 -27.41
N GLU A 236 -11.62 14.47 -27.59
CA GLU A 236 -12.52 14.85 -26.52
C GLU A 236 -12.30 13.93 -25.30
N GLU A 237 -12.08 12.64 -25.59
CA GLU A 237 -11.83 11.66 -24.52
C GLU A 237 -10.45 11.86 -23.90
N LYS A 238 -9.42 12.08 -24.73
CA LYS A 238 -8.05 12.48 -24.24
C LYS A 238 -8.13 13.65 -23.26
N ASP A 239 -8.89 14.72 -23.61
CA ASP A 239 -9.01 15.88 -22.75
C ASP A 239 -9.70 15.58 -21.40
N LYS A 240 -10.66 14.65 -21.42
CA LYS A 240 -11.34 14.24 -20.19
C LYS A 240 -10.28 13.68 -19.22
N TRP A 241 -9.35 12.86 -19.74
CA TRP A 241 -8.31 12.25 -18.91
C TRP A 241 -7.28 13.33 -18.51
N ARG A 242 -6.77 14.11 -19.50
CA ARG A 242 -5.89 15.24 -19.16
C ARG A 242 -6.41 16.13 -18.02
N ARG A 243 -7.69 16.52 -18.07
CA ARG A 243 -8.23 17.39 -17.04
C ARG A 243 -8.21 16.80 -15.62
N LYS A 244 -8.01 15.50 -15.50
CA LYS A 244 -7.97 14.84 -14.17
C LYS A 244 -6.58 15.03 -13.48
N VAL A 245 -5.53 15.37 -14.24
CA VAL A 245 -4.15 15.37 -13.73
C VAL A 245 -3.84 16.64 -12.98
N PRO A 246 -3.58 16.57 -11.63
CA PRO A 246 -3.35 17.82 -10.88
C PRO A 246 -2.17 18.63 -11.42
N LEU A 247 -1.08 17.95 -11.81
CA LEU A 247 0.17 18.65 -12.19
C LEU A 247 0.13 19.00 -13.68
N GLY A 248 -0.56 20.10 -14.01
CA GLY A 248 -0.50 20.61 -15.40
C GLY A 248 -1.66 20.24 -16.26
N ARG A 249 -2.56 19.37 -15.74
CA ARG A 249 -3.79 18.95 -16.50
C ARG A 249 -3.35 18.43 -17.86
N ARG A 250 -2.28 17.65 -17.87
CA ARG A 250 -1.81 17.07 -19.12
C ARG A 250 -1.20 15.74 -18.85
N GLU A 251 -1.13 14.92 -19.90
CA GLU A 251 -0.46 13.59 -19.81
C GLU A 251 1.05 13.74 -19.78
N ALA A 252 1.74 12.72 -19.26
CA ALA A 252 3.21 12.62 -19.33
C ALA A 252 3.68 12.51 -20.79
N SER A 253 4.77 13.23 -21.15
CA SER A 253 5.44 12.96 -22.42
C SER A 253 6.11 11.62 -22.32
N ALA A 254 6.41 11.01 -23.47
CA ALA A 254 7.16 9.76 -23.46
C ALA A 254 8.52 9.99 -22.81
N GLU A 255 9.11 11.16 -23.06
CA GLU A 255 10.42 11.45 -22.51
C GLU A 255 10.40 11.52 -20.98
N GLN A 256 9.34 12.08 -20.40
CA GLN A 256 9.21 12.14 -18.92
C GLN A 256 9.23 10.70 -18.29
N ILE A 257 8.55 9.79 -18.93
CA ILE A 257 8.62 8.34 -18.52
C ILE A 257 10.02 7.79 -18.62
N ALA A 258 10.64 8.01 -19.80
CA ALA A 258 12.00 7.55 -20.07
C ALA A 258 13.02 8.12 -19.03
N ASP A 259 12.81 9.37 -18.62
CA ASP A 259 13.68 9.99 -17.60
C ASP A 259 13.76 9.15 -16.35
N ALA A 260 12.59 8.64 -15.91
CA ALA A 260 12.60 7.88 -14.67
C ALA A 260 13.28 6.52 -14.90
N VAL A 261 13.10 5.91 -16.08
CA VAL A 261 13.82 4.64 -16.38
C VAL A 261 15.34 4.86 -16.31
N ILE A 262 15.79 5.96 -16.94
CA ILE A 262 17.21 6.33 -17.02
C ILE A 262 17.76 6.54 -15.64
N PHE A 263 16.97 7.20 -14.77
CA PHE A 263 17.45 7.31 -13.36
C PHE A 263 17.68 5.92 -12.72
N LEU A 264 16.68 5.04 -12.81
CA LEU A 264 16.81 3.72 -12.16
C LEU A 264 17.95 2.82 -12.70
N VAL A 265 18.29 3.01 -13.96
CA VAL A 265 19.42 2.21 -14.48
C VAL A 265 20.77 2.85 -14.15
N SER A 266 20.73 4.16 -13.86
CA SER A 266 21.95 4.91 -13.58
C SER A 266 22.71 4.52 -12.28
N GLY A 267 23.97 4.96 -12.15
CA GLY A 267 24.72 4.83 -10.87
C GLY A 267 24.12 5.68 -9.73
N SER A 268 23.23 6.62 -10.05
CA SER A 268 22.57 7.40 -8.98
C SER A 268 21.45 6.59 -8.30
N ALA A 269 21.18 5.36 -8.79
CA ALA A 269 20.11 4.47 -8.17
C ALA A 269 20.69 3.19 -7.71
N GLN A 270 22.01 3.17 -7.42
CA GLN A 270 22.69 1.91 -7.12
C GLN A 270 22.29 1.21 -5.85
N TYR A 271 21.68 1.91 -4.89
CA TYR A 271 21.12 1.17 -3.72
C TYR A 271 19.59 0.88 -3.86
N ILE A 272 18.98 1.27 -4.99
CA ILE A 272 17.52 1.17 -5.22
C ILE A 272 17.19 -0.17 -5.86
N THR A 273 16.41 -1.00 -5.13
CA THR A 273 15.89 -2.26 -5.70
C THR A 273 14.55 -2.58 -5.04
N GLY A 274 13.59 -3.03 -5.88
CA GLY A 274 12.27 -3.32 -5.45
C GLY A 274 11.38 -2.05 -5.33
N SER A 275 11.79 -0.96 -5.93
CA SER A 275 11.03 0.30 -5.85
C SER A 275 10.28 0.53 -7.13
N ILE A 276 9.05 1.02 -6.99
CA ILE A 276 8.28 1.38 -8.12
C ILE A 276 8.00 2.88 -8.05
N ILE A 277 8.56 3.62 -8.98
CA ILE A 277 8.41 5.09 -9.00
C ILE A 277 7.18 5.47 -9.84
N LYS A 278 6.22 6.14 -9.20
CA LYS A 278 5.05 6.64 -9.95
C LYS A 278 5.53 7.89 -10.72
N VAL A 279 5.11 8.02 -11.96
CA VAL A 279 5.34 9.22 -12.78
C VAL A 279 3.96 9.58 -13.32
N ASP A 280 3.12 10.21 -12.46
CA ASP A 280 1.73 10.31 -12.77
C ASP A 280 1.10 11.73 -12.56
N GLY A 281 1.94 12.72 -12.25
CA GLY A 281 1.45 14.11 -12.13
C GLY A 281 0.43 14.23 -11.01
N GLY A 282 0.41 13.26 -10.07
CA GLY A 282 -0.57 13.33 -8.97
C GLY A 282 -1.88 12.60 -9.24
N LEU A 283 -2.04 12.02 -10.45
CA LEU A 283 -3.36 11.42 -10.83
C LEU A 283 -3.86 10.37 -9.82
N SER A 284 -3.00 9.45 -9.37
CA SER A 284 -3.44 8.44 -8.42
C SER A 284 -3.92 9.00 -7.03
N LEU A 285 -3.71 10.27 -6.76
CA LEU A 285 -4.06 10.84 -5.43
C LEU A 285 -5.43 11.46 -5.51
N VAL A 286 -6.01 11.50 -6.73
CA VAL A 286 -7.25 12.24 -6.92
C VAL A 286 -8.43 11.30 -6.61
N HIS A 287 -9.27 11.66 -5.63
CA HIS A 287 -10.51 10.83 -5.37
C HIS A 287 -11.58 10.94 -6.48
N ALA A 288 -12.60 10.09 -6.40
CA ALA A 288 -13.67 10.11 -7.41
C ALA A 288 -14.44 11.41 -7.42
N MET B 21 23.23 34.48 -8.31
CA MET B 21 22.34 35.58 -8.78
C MET B 21 21.13 34.99 -9.53
N GLU B 22 21.42 34.17 -10.57
CA GLU B 22 20.41 33.35 -11.26
C GLU B 22 20.35 31.91 -10.67
N ALA B 23 21.18 31.59 -9.67
CA ALA B 23 21.22 30.25 -9.11
C ALA B 23 19.95 30.03 -8.23
N PRO B 24 19.35 28.81 -8.32
CA PRO B 24 18.24 28.55 -7.41
C PRO B 24 18.71 28.38 -5.95
N ALA B 25 17.75 28.38 -5.01
CA ALA B 25 18.14 28.24 -3.61
C ALA B 25 17.30 27.13 -2.91
N ALA B 26 17.90 26.48 -1.92
CA ALA B 26 17.22 25.36 -1.18
C ALA B 26 17.44 25.52 0.32
N VAL B 27 16.43 25.11 1.11
CA VAL B 27 16.54 24.95 2.56
C VAL B 27 16.61 23.44 2.79
N VAL B 28 17.57 23.01 3.61
CA VAL B 28 17.66 21.63 4.08
C VAL B 28 17.61 21.68 5.60
N THR B 29 16.62 21.01 6.23
CA THR B 29 16.60 21.04 7.68
C THR B 29 17.51 19.95 8.19
N GLY B 30 18.09 20.17 9.37
CA GLY B 30 18.93 19.15 10.02
C GLY B 30 20.14 18.86 9.11
N ALA B 31 20.77 19.91 8.58
CA ALA B 31 21.79 19.74 7.51
C ALA B 31 23.22 19.74 7.96
N ALA B 32 23.44 19.82 9.25
CA ALA B 32 24.82 19.93 9.78
C ALA B 32 25.56 18.64 9.64
N LYS B 33 24.84 17.52 9.68
CA LYS B 33 25.51 16.21 9.75
C LYS B 33 24.82 15.13 8.91
N ARG B 34 25.55 14.02 8.67
CA ARG B 34 25.00 12.75 8.14
C ARG B 34 24.19 12.99 6.87
N ILE B 35 22.91 12.56 6.84
CA ILE B 35 22.18 12.62 5.59
C ILE B 35 21.89 14.05 5.10
N GLY B 36 21.43 14.93 5.99
CA GLY B 36 21.08 16.29 5.62
C GLY B 36 22.33 17.01 5.10
N ARG B 37 23.47 16.72 5.73
CA ARG B 37 24.75 17.29 5.23
C ARG B 37 25.03 16.90 3.77
N ALA B 38 24.82 15.62 3.44
CA ALA B 38 25.20 15.10 2.15
C ALA B 38 24.23 15.65 1.13
N ILE B 39 22.98 15.79 1.54
CA ILE B 39 21.96 16.45 0.67
C ILE B 39 22.34 17.94 0.40
N ALA B 40 22.68 18.71 1.44
CA ALA B 40 23.10 20.12 1.21
C ALA B 40 24.35 20.14 0.29
N VAL B 41 25.31 19.25 0.49
CA VAL B 41 26.54 19.23 -0.37
C VAL B 41 26.13 18.97 -1.84
N LYS B 42 25.23 17.99 -2.07
CA LYS B 42 24.93 17.60 -3.39
C LYS B 42 24.10 18.66 -4.09
N LEU B 43 23.21 19.29 -3.32
CA LEU B 43 22.43 20.42 -3.91
C LEU B 43 23.41 21.55 -4.32
N HIS B 44 24.37 21.81 -3.43
CA HIS B 44 25.38 22.90 -3.72
C HIS B 44 26.23 22.53 -4.97
N GLN B 45 26.71 21.29 -5.05
CA GLN B 45 27.43 20.81 -6.25
C GLN B 45 26.61 20.93 -7.54
N THR B 46 25.30 20.86 -7.43
CA THR B 46 24.39 20.97 -8.57
C THR B 46 24.12 22.40 -8.97
N GLY B 47 24.55 23.34 -8.13
CA GLY B 47 24.42 24.79 -8.36
C GLY B 47 23.43 25.55 -7.49
N TYR B 48 22.89 24.89 -6.47
CA TYR B 48 22.02 25.57 -5.51
C TYR B 48 22.81 26.38 -4.45
N ARG B 49 22.26 27.55 -4.09
CA ARG B 49 22.63 28.19 -2.85
C ARG B 49 21.79 27.53 -1.74
N VAL B 50 22.39 27.35 -0.54
CA VAL B 50 21.74 26.56 0.48
CA VAL B 50 21.78 26.52 0.51
C VAL B 50 21.61 27.25 1.85
N VAL B 51 20.43 27.08 2.49
CA VAL B 51 20.31 27.40 3.91
C VAL B 51 20.53 26.10 4.68
N ILE B 52 21.53 26.09 5.53
CA ILE B 52 21.86 24.92 6.37
C ILE B 52 21.15 25.09 7.71
N HIS B 53 19.94 24.50 7.87
CA HIS B 53 19.26 24.63 9.18
C HIS B 53 19.92 23.62 10.18
N TYR B 54 20.00 24.00 11.46
CA TYR B 54 20.51 23.10 12.50
C TYR B 54 19.81 23.41 13.84
N HIS B 55 19.93 22.53 14.81
CA HIS B 55 19.31 22.77 16.07
C HIS B 55 20.45 22.92 17.10
N ASN B 56 21.13 21.82 17.38
CA ASN B 56 22.21 21.82 18.31
C ASN B 56 23.57 21.81 17.66
N SER B 57 23.68 21.48 16.39
CA SER B 57 25.01 21.24 15.91
C SER B 57 25.66 22.51 15.25
N ALA B 58 25.89 23.57 16.03
CA ALA B 58 26.34 24.85 15.49
C ALA B 58 27.72 24.77 14.78
N GLU B 59 28.66 24.13 15.43
CA GLU B 59 30.00 24.07 14.95
C GLU B 59 30.04 23.28 13.63
N ALA B 60 29.31 22.13 13.56
CA ALA B 60 29.23 21.39 12.29
C ALA B 60 28.50 22.17 11.17
N ALA B 61 27.42 22.90 11.48
CA ALA B 61 26.69 23.66 10.46
C ALA B 61 27.59 24.77 9.85
N VAL B 62 28.26 25.50 10.74
CA VAL B 62 29.14 26.59 10.32
C VAL B 62 30.33 26.04 9.52
N SER B 63 30.91 24.95 9.97
CA SER B 63 31.99 24.29 9.21
C SER B 63 31.57 23.92 7.79
N LEU B 64 30.33 23.40 7.67
CA LEU B 64 29.84 23.05 6.35
C LEU B 64 29.62 24.36 5.52
N ALA B 65 29.02 25.39 6.13
CA ALA B 65 28.73 26.66 5.38
C ALA B 65 30.07 27.28 4.90
N ASP B 66 31.09 27.20 5.75
CA ASP B 66 32.39 27.76 5.40
C ASP B 66 33.02 26.98 4.23
N GLU B 67 33.01 25.65 4.30
CA GLU B 67 33.51 24.80 3.21
C GLU B 67 32.79 25.14 1.88
N LEU B 68 31.46 25.27 1.91
CA LEU B 68 30.65 25.63 0.70
C LEU B 68 30.94 27.05 0.14
N ASN B 69 31.09 28.00 1.05
CA ASN B 69 31.42 29.36 0.67
C ASN B 69 32.83 29.50 0.12
N LYS B 70 33.72 28.61 0.52
CA LYS B 70 35.08 28.56 0.00
C LYS B 70 34.97 28.10 -1.46
N GLU B 71 34.08 27.14 -1.75
CA GLU B 71 33.86 26.69 -3.13
CA GLU B 71 33.89 26.71 -3.15
C GLU B 71 33.24 27.81 -3.98
N ARG B 72 32.22 28.48 -3.48
CA ARG B 72 31.59 29.61 -4.20
C ARG B 72 31.11 30.62 -3.24
N SER B 73 31.65 31.85 -3.29
CA SER B 73 31.30 32.84 -2.25
C SER B 73 29.85 33.16 -2.17
N ASN B 74 29.39 33.35 -0.94
CA ASN B 74 28.01 33.77 -0.66
C ASN B 74 26.95 32.80 -1.21
N THR B 75 27.22 31.51 -1.07
CA THR B 75 26.21 30.54 -1.56
C THR B 75 25.58 29.70 -0.39
N ALA B 76 25.99 29.95 0.87
CA ALA B 76 25.54 29.10 2.03
C ALA B 76 25.40 29.99 3.25
N VAL B 77 24.27 29.82 3.93
CA VAL B 77 24.11 30.49 5.25
C VAL B 77 23.57 29.41 6.22
N VAL B 78 23.73 29.62 7.51
CA VAL B 78 23.12 28.74 8.51
C VAL B 78 21.87 29.37 9.14
N CYS B 79 21.00 28.53 9.73
CA CYS B 79 19.82 29.05 10.39
C CYS B 79 19.50 28.12 11.52
N GLN B 80 19.58 28.62 12.76
CA GLN B 80 19.26 27.82 13.93
C GLN B 80 17.75 27.81 14.26
N ALA B 81 17.19 26.63 14.62
CA ALA B 81 15.80 26.56 15.11
C ALA B 81 15.55 25.19 15.72
N ASP B 82 14.89 25.18 16.87
CA ASP B 82 14.29 23.92 17.43
C ASP B 82 12.96 23.65 16.67
N LEU B 83 12.82 22.44 16.13
CA LEU B 83 11.58 21.99 15.38
C LEU B 83 10.58 21.18 16.24
N THR B 84 10.82 21.15 17.56
CA THR B 84 9.84 20.58 18.54
C THR B 84 8.49 21.33 18.39
N ASN B 85 7.38 20.60 18.52
CA ASN B 85 6.09 21.26 18.47
C ASN B 85 5.92 22.16 19.74
N SER B 86 5.48 23.40 19.52
CA SER B 86 5.11 24.36 20.57
C SER B 86 4.28 25.47 19.93
N ASN B 87 3.82 26.40 20.77
CA ASN B 87 3.24 27.66 20.32
C ASN B 87 4.10 28.49 19.39
N VAL B 88 5.43 28.40 19.51
CA VAL B 88 6.30 29.21 18.65
C VAL B 88 6.75 28.52 17.34
N LEU B 89 6.39 27.24 17.19
CA LEU B 89 6.86 26.50 15.99
C LEU B 89 6.49 27.15 14.66
N PRO B 90 5.24 27.62 14.50
CA PRO B 90 4.82 28.28 13.27
C PRO B 90 5.71 29.48 12.94
N ALA B 91 5.98 30.35 13.93
CA ALA B 91 6.89 31.49 13.70
C ALA B 91 8.32 31.01 13.35
N SER B 92 8.85 29.98 14.06
CA SER B 92 10.18 29.47 13.73
C SER B 92 10.27 29.00 12.27
N CYS B 93 9.24 28.27 11.86
CA CYS B 93 9.23 27.72 10.47
C CYS B 93 9.09 28.80 9.41
N GLU B 94 8.24 29.79 9.67
CA GLU B 94 8.22 30.99 8.83
C GLU B 94 9.57 31.70 8.68
N GLU B 95 10.33 31.71 9.78
CA GLU B 95 11.63 32.38 9.83
C GLU B 95 12.66 31.57 9.04
N ILE B 96 12.61 30.24 9.11
CA ILE B 96 13.51 29.45 8.27
C ILE B 96 13.32 29.72 6.81
N ILE B 97 12.08 29.69 6.35
CA ILE B 97 11.78 30.02 4.95
C ILE B 97 12.20 31.48 4.62
N ASN B 98 11.84 32.43 5.50
CA ASN B 98 12.26 33.85 5.32
C ASN B 98 13.79 33.98 5.19
N SER B 99 14.56 33.20 5.98
CA SER B 99 16.02 33.32 5.92
C SER B 99 16.54 33.01 4.51
N CYS B 100 15.87 32.08 3.79
CA CYS B 100 16.27 31.72 2.43
C CYS B 100 16.05 32.94 1.50
N PHE B 101 14.85 33.52 1.58
CA PHE B 101 14.53 34.73 0.78
C PHE B 101 15.41 35.93 1.15
N ARG B 102 15.79 36.08 2.43
CA ARG B 102 16.64 37.23 2.77
C ARG B 102 18.08 37.00 2.26
N ALA B 103 18.61 35.77 2.38
CA ALA B 103 19.94 35.49 1.84
C ALA B 103 19.96 35.50 0.32
N PHE B 104 18.99 34.90 -0.37
CA PHE B 104 19.23 34.56 -1.76
C PHE B 104 18.13 35.09 -2.68
N GLY B 105 17.06 35.61 -2.10
CA GLY B 105 16.00 36.35 -2.85
C GLY B 105 14.97 35.42 -3.49
N ARG B 106 15.07 34.13 -3.16
CA ARG B 106 14.17 33.12 -3.75
C ARG B 106 14.27 31.86 -2.86
N CYS B 107 13.30 30.96 -3.02
CA CYS B 107 13.43 29.64 -2.31
C CYS B 107 12.74 28.64 -3.25
N ASP B 108 13.54 27.83 -3.89
CA ASP B 108 13.04 26.91 -4.90
C ASP B 108 12.76 25.54 -4.37
N VAL B 109 13.52 25.13 -3.37
CA VAL B 109 13.49 23.73 -2.87
C VAL B 109 13.41 23.77 -1.36
N LEU B 110 12.51 22.94 -0.82
CA LEU B 110 12.56 22.62 0.61
C LEU B 110 12.82 21.10 0.81
N VAL B 111 13.79 20.75 1.65
CA VAL B 111 14.06 19.35 2.06
C VAL B 111 13.79 19.20 3.53
N ASN B 112 12.70 18.46 3.85
CA ASN B 112 12.38 18.14 5.25
C ASN B 112 13.15 16.92 5.71
N ASN B 113 14.32 17.13 6.28
CA ASN B 113 15.20 16.04 6.66
C ASN B 113 15.32 15.86 8.19
N ALA B 114 15.28 16.95 8.95
CA ALA B 114 15.52 16.92 10.40
C ALA B 114 14.55 15.91 11.06
N SER B 115 15.05 15.15 12.02
CA SER B 115 14.20 14.09 12.60
C SER B 115 14.68 13.71 14.00
N ALA B 116 13.78 13.59 14.98
CA ALA B 116 14.12 12.93 16.27
C ALA B 116 13.70 11.47 16.12
N PHE B 117 14.44 10.57 16.75
CA PHE B 117 14.23 9.12 16.58
C PHE B 117 14.68 8.45 17.89
N TYR B 118 13.73 7.94 18.70
CA TYR B 118 14.09 7.20 19.90
C TYR B 118 12.84 6.41 20.33
N PRO B 119 13.01 5.34 21.13
CA PRO B 119 11.85 4.53 21.52
C PRO B 119 10.91 5.26 22.47
N THR B 120 9.61 5.02 22.34
CA THR B 120 8.56 5.48 23.26
C THR B 120 7.63 4.28 23.64
N PRO B 121 8.11 3.37 24.51
CA PRO B 121 7.31 2.15 24.81
C PRO B 121 5.91 2.44 25.36
N LEU B 122 4.93 1.64 24.95
CA LEU B 122 3.54 1.84 25.35
C LEU B 122 3.36 1.37 26.79
N VAL B 123 4.11 0.36 27.17
CA VAL B 123 4.02 -0.18 28.53
C VAL B 123 5.32 -0.13 29.29
N GLN B 124 5.23 0.38 30.52
CA GLN B 124 6.38 0.77 31.35
C GLN B 124 6.75 -0.30 32.35
N GLY B 133 14.44 10.67 30.56
CA GLY B 133 13.57 11.16 31.64
C GLY B 133 12.51 12.17 31.18
N LYS B 134 12.21 12.16 29.88
CA LYS B 134 11.31 13.11 29.22
C LYS B 134 9.88 12.73 29.55
N THR B 135 8.97 13.70 29.69
CA THR B 135 7.59 13.36 29.89
C THR B 135 7.02 12.88 28.52
N VAL B 136 5.87 12.22 28.55
CA VAL B 136 5.26 11.73 27.31
C VAL B 136 4.89 12.92 26.44
N GLU B 137 4.44 14.05 27.04
CA GLU B 137 4.09 15.17 26.19
C GLU B 137 5.32 15.81 25.50
N THR B 138 6.49 15.75 26.15
CA THR B 138 7.69 16.17 25.48
C THR B 138 8.03 15.19 24.30
N GLN B 139 7.86 13.91 24.51
CA GLN B 139 8.13 12.92 23.43
C GLN B 139 7.21 13.18 22.24
N VAL B 140 5.97 13.47 22.54
CA VAL B 140 5.00 13.84 21.51
C VAL B 140 5.47 15.10 20.72
N ALA B 141 5.79 16.17 21.45
CA ALA B 141 6.28 17.39 20.84
C ALA B 141 7.51 17.18 19.97
N GLU B 142 8.45 16.37 20.42
CA GLU B 142 9.67 16.25 19.69
C GLU B 142 9.47 15.34 18.48
N LEU B 143 8.83 14.18 18.71
CA LEU B 143 8.81 13.14 17.67
C LEU B 143 7.77 13.51 16.64
N ILE B 144 6.62 14.04 17.07
CA ILE B 144 5.59 14.44 16.10
C ILE B 144 5.95 15.86 15.49
N GLY B 145 6.51 16.75 16.28
CA GLY B 145 6.95 18.08 15.79
C GLY B 145 7.99 17.97 14.68
N THR B 146 9.09 17.30 14.97
CA THR B 146 10.21 17.21 14.02
C THR B 146 9.77 16.45 12.77
N ASN B 147 9.09 15.31 12.96
CA ASN B 147 8.81 14.42 11.81
C ASN B 147 7.58 14.85 11.00
N ALA B 148 6.69 15.60 11.60
CA ALA B 148 5.45 15.87 10.87
C ALA B 148 5.01 17.32 10.91
N ILE B 149 4.86 17.90 12.12
CA ILE B 149 4.32 19.25 12.27
CA ILE B 149 4.28 19.24 12.20
C ILE B 149 5.22 20.30 11.61
N ALA B 150 6.48 20.25 11.96
CA ALA B 150 7.46 21.19 11.36
C ALA B 150 7.47 21.08 9.81
N PRO B 151 7.55 19.84 9.22
CA PRO B 151 7.34 19.73 7.75
C PRO B 151 6.06 20.44 7.21
N PHE B 152 4.95 20.25 7.89
CA PHE B 152 3.68 20.88 7.46
C PHE B 152 3.79 22.41 7.50
N LEU B 153 4.28 22.96 8.60
CA LEU B 153 4.40 24.44 8.77
C LEU B 153 5.45 24.98 7.79
N LEU B 154 6.56 24.26 7.61
CA LEU B 154 7.56 24.72 6.59
C LEU B 154 6.93 24.70 5.15
N THR B 155 6.12 23.67 4.87
CA THR B 155 5.42 23.52 3.58
C THR B 155 4.44 24.69 3.39
N MET B 156 3.69 25.04 4.45
CA MET B 156 2.80 26.22 4.43
CA MET B 156 2.81 26.20 4.40
C MET B 156 3.58 27.50 4.10
N SER B 157 4.64 27.72 4.86
CA SER B 157 5.41 28.98 4.72
C SER B 157 6.09 29.02 3.32
N PHE B 158 6.63 27.87 2.87
CA PHE B 158 7.25 27.76 1.52
C PHE B 158 6.22 28.17 0.45
N ALA B 159 5.02 27.58 0.51
CA ALA B 159 4.02 27.81 -0.54
C ALA B 159 3.48 29.26 -0.46
N GLN B 160 3.30 29.76 0.76
CA GLN B 160 2.70 31.12 0.95
C GLN B 160 3.61 32.14 0.27
N ARG B 161 4.91 31.90 0.37
CA ARG B 161 5.92 32.79 -0.24
C ARG B 161 6.06 32.70 -1.74
N GLN B 162 5.44 31.72 -2.39
CA GLN B 162 5.73 31.54 -3.83
C GLN B 162 4.89 32.45 -4.69
N SER B 171 11.06 28.71 -16.47
CA SER B 171 12.36 28.42 -15.83
C SER B 171 12.22 27.79 -14.40
N SER B 172 11.03 27.90 -13.82
CA SER B 172 10.75 27.58 -12.42
C SER B 172 10.68 26.05 -12.21
N ASN B 173 11.40 25.53 -11.21
CA ASN B 173 11.25 24.13 -10.82
C ASN B 173 11.19 24.03 -9.29
N LEU B 174 10.00 24.32 -8.77
CA LEU B 174 9.76 24.40 -7.30
C LEU B 174 9.39 23.02 -6.80
N SER B 175 10.07 22.53 -5.76
CA SER B 175 9.60 21.28 -5.18
C SER B 175 10.05 21.07 -3.72
N ILE B 176 9.36 20.14 -3.05
CA ILE B 176 9.64 19.79 -1.69
C ILE B 176 10.01 18.28 -1.68
N VAL B 177 10.96 17.89 -0.84
CA VAL B 177 11.29 16.48 -0.69
C VAL B 177 11.24 16.22 0.80
N ASN B 178 10.43 15.23 1.18
CA ASN B 178 10.34 14.81 2.59
C ASN B 178 11.09 13.53 2.80
N LEU B 179 11.91 13.49 3.82
CA LEU B 179 12.66 12.25 4.16
C LEU B 179 11.75 11.33 5.02
N CYS B 180 11.30 10.24 4.38
CA CYS B 180 10.31 9.31 4.92
C CYS B 180 11.08 8.11 5.49
N ASP B 181 10.48 6.89 5.53
CA ASP B 181 11.15 5.75 6.16
C ASP B 181 10.55 4.51 5.47
N ALA B 182 11.42 3.69 4.86
CA ALA B 182 10.92 2.56 4.07
C ALA B 182 10.30 1.49 4.96
N MET B 183 10.56 1.57 6.25
CA MET B 183 10.12 0.52 7.19
C MET B 183 8.87 0.90 8.01
N VAL B 184 8.10 1.88 7.52
CA VAL B 184 6.97 2.38 8.32
C VAL B 184 5.85 1.33 8.53
N ASP B 185 5.73 0.41 7.59
CA ASP B 185 4.75 -0.69 7.74
C ASP B 185 5.31 -1.93 8.39
N GLN B 186 6.59 -1.94 8.74
CA GLN B 186 7.18 -3.04 9.50
C GLN B 186 8.04 -2.40 10.57
N PRO B 187 7.39 -1.73 11.52
CA PRO B 187 8.17 -0.76 12.36
C PRO B 187 9.06 -1.44 13.41
N CYS B 188 10.09 -0.74 13.89
CA CYS B 188 10.86 -1.25 15.05
C CYS B 188 9.97 -1.26 16.25
N MET B 189 10.21 -2.25 17.09
CA MET B 189 9.44 -2.47 18.32
C MET B 189 9.55 -1.25 19.26
N ALA B 190 8.45 -0.82 19.88
CA ALA B 190 8.45 0.28 20.89
C ALA B 190 8.75 1.70 20.29
N PHE B 191 8.58 1.89 18.97
CA PHE B 191 8.76 3.20 18.29
C PHE B 191 7.45 3.81 17.79
N SER B 192 6.36 3.66 18.56
N SER B 192 6.36 3.67 18.56
CA SER B 192 5.04 4.05 18.03
CA SER B 192 5.03 4.08 18.08
C SER B 192 4.99 5.56 17.67
C SER B 192 5.03 5.55 17.66
N LEU B 193 5.54 6.45 18.51
CA LEU B 193 5.43 7.88 18.23
C LEU B 193 6.26 8.25 17.01
N TYR B 194 7.49 7.73 16.93
CA TYR B 194 8.32 7.96 15.74
C TYR B 194 7.53 7.48 14.48
N ASN B 195 7.01 6.23 14.54
N ASN B 195 6.97 6.26 14.54
CA ASN B 195 6.30 5.64 13.38
CA ASN B 195 6.29 5.72 13.35
C ASN B 195 5.07 6.47 13.01
C ASN B 195 5.02 6.47 13.00
N MET B 196 4.31 6.91 14.02
CA MET B 196 3.16 7.84 13.79
C MET B 196 3.61 9.10 13.02
N GLY B 197 4.69 9.72 13.47
CA GLY B 197 5.19 10.95 12.78
C GLY B 197 5.56 10.65 11.32
N LYS B 198 6.24 9.55 11.07
CA LYS B 198 6.64 9.22 9.68
C LYS B 198 5.41 8.84 8.82
N HIS B 199 4.37 8.19 9.40
CA HIS B 199 3.17 7.95 8.61
C HIS B 199 2.51 9.29 8.33
N ALA B 200 2.47 10.21 9.35
CA ALA B 200 1.84 11.51 9.09
C ALA B 200 2.60 12.21 7.95
N LEU B 201 3.91 12.00 7.89
CA LEU B 201 4.65 12.66 6.82
C LEU B 201 4.31 12.13 5.43
N VAL B 202 3.98 10.85 5.32
CA VAL B 202 3.45 10.29 4.06
C VAL B 202 2.17 11.05 3.67
N GLY B 203 1.27 11.21 4.65
CA GLY B 203 0.00 11.87 4.38
C GLY B 203 0.27 13.30 3.94
N LEU B 204 1.19 14.00 4.61
CA LEU B 204 1.52 15.37 4.20
C LEU B 204 2.02 15.38 2.72
N THR B 205 2.90 14.42 2.41
CA THR B 205 3.52 14.38 1.07
C THR B 205 2.38 14.28 0.02
N GLN B 206 1.43 13.39 0.32
CA GLN B 206 0.29 13.18 -0.62
C GLN B 206 -0.66 14.39 -0.66
N SER B 207 -1.07 14.85 0.53
CA SER B 207 -2.01 15.97 0.57
C SER B 207 -1.40 17.22 -0.03
N ALA B 208 -0.14 17.49 0.30
CA ALA B 208 0.52 18.74 -0.25
C ALA B 208 0.81 18.58 -1.72
N ALA B 209 1.15 17.38 -2.19
CA ALA B 209 1.28 17.22 -3.67
C ALA B 209 -0.02 17.61 -4.40
N LEU B 210 -1.14 17.13 -3.90
CA LEU B 210 -2.40 17.42 -4.57
C LEU B 210 -2.71 18.94 -4.53
N GLU B 211 -2.53 19.53 -3.35
CA GLU B 211 -2.95 20.91 -3.13
C GLU B 211 -2.04 21.94 -3.79
N LEU B 212 -0.75 21.64 -3.88
CA LEU B 212 0.23 22.59 -4.46
C LEU B 212 0.49 22.40 -5.97
N ALA B 213 -0.01 21.28 -6.52
CA ALA B 213 0.15 21.02 -7.96
C ALA B 213 -0.34 22.24 -8.82
N PRO B 214 -1.45 22.93 -8.44
CA PRO B 214 -1.80 24.11 -9.30
C PRO B 214 -0.79 25.29 -9.31
N TYR B 215 0.09 25.36 -8.29
CA TYR B 215 1.13 26.36 -8.14
C TYR B 215 2.43 25.91 -8.79
N GLY B 216 2.46 24.72 -9.34
CA GLY B 216 3.66 24.17 -9.97
C GLY B 216 4.66 23.67 -8.93
N ILE B 217 4.18 23.40 -7.70
CA ILE B 217 5.09 22.94 -6.64
C ILE B 217 4.89 21.45 -6.56
N ARG B 218 5.95 20.70 -6.82
CA ARG B 218 5.90 19.21 -6.72
C ARG B 218 6.32 18.80 -5.30
N VAL B 219 5.71 17.75 -4.75
CA VAL B 219 6.03 17.29 -3.38
C VAL B 219 6.24 15.77 -3.37
N ASN B 220 7.40 15.30 -2.91
CA ASN B 220 7.77 13.90 -3.05
C ASN B 220 8.53 13.48 -1.80
N GLY B 221 8.81 12.18 -1.68
CA GLY B 221 9.61 11.69 -0.58
C GLY B 221 10.70 10.76 -1.03
N VAL B 222 11.70 10.64 -0.15
CA VAL B 222 12.73 9.61 -0.26
C VAL B 222 12.65 8.84 1.02
N ALA B 223 12.61 7.51 0.88
CA ALA B 223 12.43 6.65 2.06
C ALA B 223 13.62 5.71 2.27
N PRO B 224 14.59 6.06 3.15
CA PRO B 224 15.70 5.14 3.39
C PRO B 224 15.26 3.91 4.15
N GLY B 225 16.00 2.82 4.03
CA GLY B 225 15.77 1.68 4.92
C GLY B 225 16.79 1.75 6.07
N VAL B 226 17.95 1.14 5.90
CA VAL B 226 19.03 1.42 6.87
C VAL B 226 20.09 2.20 6.11
N SER B 227 20.36 3.43 6.57
CA SER B 227 21.44 4.25 6.01
C SER B 227 22.47 4.41 7.15
N LEU B 228 23.06 5.59 7.30
CA LEU B 228 24.06 5.83 8.36
C LEU B 228 23.56 5.42 9.72
N LEU B 229 24.28 4.47 10.31
CA LEU B 229 23.93 3.96 11.63
C LEU B 229 24.60 4.87 12.72
N PRO B 230 24.10 4.84 13.97
CA PRO B 230 24.82 5.67 15.03
C PRO B 230 26.34 5.35 15.19
N VAL B 231 27.21 6.37 15.32
CA VAL B 231 28.69 6.14 15.41
C VAL B 231 28.99 5.23 16.60
N ALA B 232 28.21 5.42 17.66
CA ALA B 232 28.51 4.72 18.91
C ALA B 232 27.84 3.36 19.01
N MET B 233 26.96 3.02 18.06
CA MET B 233 26.41 1.64 17.96
C MET B 233 27.55 0.66 17.76
N GLY B 234 27.59 -0.39 18.56
CA GLY B 234 28.63 -1.42 18.35
C GLY B 234 28.58 -1.95 16.91
N GLU B 235 29.75 -2.13 16.28
CA GLU B 235 29.82 -2.81 14.96
C GLU B 235 29.06 -4.15 14.92
N GLU B 236 29.08 -4.89 16.02
CA GLU B 236 28.39 -6.19 16.06
C GLU B 236 26.85 -6.02 15.89
N GLU B 237 26.27 -4.95 16.48
CA GLU B 237 24.85 -4.64 16.26
CA GLU B 237 24.86 -4.60 16.25
C GLU B 237 24.64 -4.00 14.86
N LYS B 238 25.58 -3.14 14.40
CA LYS B 238 25.50 -2.55 13.05
C LYS B 238 25.46 -3.67 12.01
N ASP B 239 26.32 -4.69 12.19
CA ASP B 239 26.35 -5.83 11.29
C ASP B 239 25.07 -6.68 11.27
N LYS B 240 24.36 -6.80 12.41
CA LYS B 240 23.09 -7.51 12.44
C LYS B 240 22.11 -6.86 11.46
N TRP B 241 22.12 -5.52 11.40
CA TRP B 241 21.27 -4.79 10.48
C TRP B 241 21.75 -4.87 9.04
N ARG B 242 23.06 -4.70 8.86
CA ARG B 242 23.63 -4.80 7.52
C ARG B 242 23.34 -6.15 6.87
N ARG B 243 23.42 -7.23 7.66
CA ARG B 243 23.21 -8.58 7.13
C ARG B 243 21.77 -8.77 6.61
N LYS B 244 20.84 -7.93 7.03
CA LYS B 244 19.42 -8.05 6.59
C LYS B 244 19.15 -7.46 5.19
N VAL B 245 20.07 -6.65 4.67
CA VAL B 245 19.89 -5.95 3.42
C VAL B 245 20.25 -6.88 2.25
N PRO B 246 19.25 -7.23 1.40
CA PRO B 246 19.58 -8.11 0.25
C PRO B 246 20.66 -7.53 -0.66
N LEU B 247 20.59 -6.25 -1.01
CA LEU B 247 21.48 -5.70 -1.98
C LEU B 247 22.80 -5.23 -1.29
N GLY B 248 23.73 -6.20 -1.10
CA GLY B 248 25.12 -5.90 -0.72
C GLY B 248 25.41 -6.12 0.76
N ARG B 249 24.38 -6.48 1.53
CA ARG B 249 24.47 -6.64 2.97
C ARG B 249 25.21 -5.46 3.60
N ARG B 250 24.81 -4.25 3.25
CA ARG B 250 25.39 -3.02 3.82
C ARG B 250 24.29 -1.94 3.87
N GLU B 251 24.46 -0.94 4.74
CA GLU B 251 23.57 0.24 4.81
C GLU B 251 23.78 1.18 3.63
N ALA B 252 22.79 2.06 3.33
CA ALA B 252 23.04 3.09 2.31
C ALA B 252 23.97 4.18 2.84
N SER B 253 24.81 4.71 1.94
CA SER B 253 25.58 5.92 2.30
C SER B 253 24.67 7.09 2.30
N ALA B 254 25.10 8.16 2.98
CA ALA B 254 24.30 9.38 2.96
C ALA B 254 24.19 9.88 1.54
N GLU B 255 25.27 9.68 0.75
CA GLU B 255 25.27 10.17 -0.63
C GLU B 255 24.25 9.44 -1.51
N GLN B 256 24.09 8.14 -1.27
CA GLN B 256 23.10 7.35 -2.01
C GLN B 256 21.67 7.91 -1.76
N ILE B 257 21.40 8.27 -0.51
CA ILE B 257 20.06 8.88 -0.20
C ILE B 257 20.00 10.23 -0.92
N ALA B 258 21.12 11.02 -0.85
CA ALA B 258 21.09 12.34 -1.46
C ALA B 258 20.88 12.25 -2.99
N ASP B 259 21.39 11.17 -3.61
CA ASP B 259 21.18 10.99 -5.06
C ASP B 259 19.68 10.98 -5.46
N ALA B 260 18.85 10.33 -4.64
CA ALA B 260 17.43 10.23 -4.97
C ALA B 260 16.80 11.60 -4.74
N VAL B 261 17.25 12.33 -3.72
CA VAL B 261 16.74 13.74 -3.53
C VAL B 261 17.05 14.62 -4.78
N ILE B 262 18.30 14.57 -5.24
CA ILE B 262 18.75 15.30 -6.42
C ILE B 262 17.91 14.95 -7.65
N PHE B 263 17.69 13.63 -7.86
CA PHE B 263 16.75 13.24 -8.95
C PHE B 263 15.39 13.94 -8.83
N LEU B 264 14.77 13.88 -7.64
CA LEU B 264 13.39 14.44 -7.48
C LEU B 264 13.29 15.95 -7.66
N VAL B 265 14.36 16.65 -7.29
CA VAL B 265 14.30 18.13 -7.48
C VAL B 265 14.65 18.51 -8.90
N SER B 266 15.20 17.55 -9.67
CA SER B 266 15.76 17.90 -11.01
C SER B 266 14.68 18.03 -12.08
N GLY B 267 15.07 18.62 -13.21
CA GLY B 267 14.22 18.66 -14.43
C GLY B 267 13.84 17.28 -14.99
N SER B 268 14.51 16.20 -14.57
CA SER B 268 14.18 14.83 -14.97
C SER B 268 12.99 14.24 -14.23
N ALA B 269 12.46 15.00 -13.26
CA ALA B 269 11.36 14.51 -12.45
C ALA B 269 10.21 15.47 -12.51
N GLN B 270 10.12 16.24 -13.60
CA GLN B 270 9.14 17.30 -13.66
C GLN B 270 7.65 16.91 -13.72
N TYR B 271 7.36 15.65 -13.93
CA TYR B 271 5.95 15.16 -13.90
C TYR B 271 5.69 14.35 -12.62
N ILE B 272 6.72 14.20 -11.78
CA ILE B 272 6.65 13.34 -10.59
C ILE B 272 6.16 14.20 -9.38
N THR B 273 4.99 13.84 -8.85
CA THR B 273 4.56 14.48 -7.62
C THR B 273 3.73 13.47 -6.84
N GLY B 274 3.88 13.55 -5.50
CA GLY B 274 3.17 12.61 -4.64
C GLY B 274 3.84 11.23 -4.62
N SER B 275 5.08 11.15 -5.08
CA SER B 275 5.73 9.84 -5.11
C SER B 275 6.72 9.71 -3.98
N ILE B 276 6.82 8.50 -3.44
CA ILE B 276 7.88 8.22 -2.44
C ILE B 276 8.83 7.14 -2.94
N ILE B 277 10.11 7.51 -3.14
CA ILE B 277 11.05 6.56 -3.68
C ILE B 277 11.77 5.88 -2.52
N LYS B 278 11.61 4.54 -2.39
CA LYS B 278 12.41 3.77 -1.40
C LYS B 278 13.83 3.70 -1.89
N VAL B 279 14.77 3.84 -0.94
CA VAL B 279 16.18 3.69 -1.25
C VAL B 279 16.66 2.80 -0.11
N ASP B 280 16.37 1.49 -0.25
CA ASP B 280 16.51 0.60 0.87
C ASP B 280 17.20 -0.75 0.59
N GLY B 281 17.78 -0.93 -0.61
CA GLY B 281 18.55 -2.18 -0.88
C GLY B 281 17.68 -3.46 -0.79
N GLY B 282 16.35 -3.30 -0.91
CA GLY B 282 15.41 -4.44 -0.76
C GLY B 282 14.97 -4.78 0.64
N LEU B 283 15.39 -3.99 1.64
CA LEU B 283 15.17 -4.32 3.07
C LEU B 283 13.67 -4.53 3.40
N SER B 284 12.84 -3.63 2.88
CA SER B 284 11.44 -3.68 3.19
C SER B 284 10.74 -4.93 2.59
N LEU B 285 11.43 -5.65 1.70
CA LEU B 285 10.84 -6.84 0.98
C LEU B 285 11.12 -8.14 1.77
N VAL B 286 11.91 -8.03 2.87
CA VAL B 286 12.43 -9.24 3.56
C VAL B 286 11.44 -9.53 4.68
N HIS B 287 10.89 -10.74 4.65
CA HIS B 287 9.97 -11.23 5.72
C HIS B 287 10.73 -11.53 7.03
N ALA B 288 10.02 -11.64 8.16
CA ALA B 288 10.64 -11.93 9.49
C ALA B 288 11.39 -13.27 9.47
N GLU C 22 -35.01 -21.09 -0.41
CA GLU C 22 -35.01 -20.94 1.07
C GLU C 22 -33.57 -20.68 1.55
N ALA C 23 -32.77 -21.72 1.69
CA ALA C 23 -31.37 -21.57 2.15
C ALA C 23 -30.48 -21.17 0.96
N PRO C 24 -29.51 -20.28 1.17
CA PRO C 24 -28.61 -19.83 0.10
C PRO C 24 -27.62 -20.94 -0.23
N ALA C 25 -26.87 -20.79 -1.32
CA ALA C 25 -25.95 -21.84 -1.67
C ALA C 25 -24.56 -21.25 -1.95
N ALA C 26 -23.52 -22.00 -1.55
CA ALA C 26 -22.10 -21.54 -1.76
C ALA C 26 -21.26 -22.59 -2.55
N VAL C 27 -20.31 -22.12 -3.36
CA VAL C 27 -19.30 -22.97 -3.99
C VAL C 27 -17.99 -22.66 -3.31
N VAL C 28 -17.27 -23.71 -2.85
CA VAL C 28 -15.95 -23.57 -2.25
C VAL C 28 -15.00 -24.40 -3.06
N THR C 29 -14.00 -23.74 -3.67
CA THR C 29 -13.03 -24.51 -4.46
C THR C 29 -11.96 -25.09 -3.53
N GLY C 30 -11.45 -26.28 -3.88
CA GLY C 30 -10.42 -26.90 -3.05
C GLY C 30 -10.93 -27.18 -1.62
N ALA C 31 -12.15 -27.68 -1.51
CA ALA C 31 -12.87 -27.75 -0.23
C ALA C 31 -12.72 -29.09 0.46
N ALA C 32 -11.90 -30.00 -0.07
CA ALA C 32 -11.83 -31.36 0.53
C ALA C 32 -11.05 -31.40 1.84
N LYS C 33 -10.08 -30.47 1.98
CA LYS C 33 -9.10 -30.51 3.07
C LYS C 33 -8.77 -29.12 3.61
N ARG C 34 -8.22 -29.11 4.83
CA ARG C 34 -7.48 -27.96 5.36
C ARG C 34 -8.39 -26.76 5.33
N ILE C 35 -7.97 -25.63 4.73
CA ILE C 35 -8.72 -24.40 4.88
C ILE C 35 -10.05 -24.43 4.15
N GLY C 36 -10.08 -24.98 2.92
CA GLY C 36 -11.37 -24.91 2.18
C GLY C 36 -12.43 -25.82 2.90
N ARG C 37 -11.96 -26.91 3.48
CA ARG C 37 -12.87 -27.80 4.28
C ARG C 37 -13.49 -27.03 5.44
N ALA C 38 -12.65 -26.26 6.19
CA ALA C 38 -13.15 -25.52 7.34
C ALA C 38 -14.14 -24.43 6.88
N ILE C 39 -13.80 -23.77 5.75
CA ILE C 39 -14.75 -22.83 5.13
C ILE C 39 -16.09 -23.51 4.75
N ALA C 40 -16.06 -24.59 3.97
CA ALA C 40 -17.35 -25.30 3.65
C ALA C 40 -18.16 -25.69 4.91
N VAL C 41 -17.49 -26.23 5.92
CA VAL C 41 -18.15 -26.64 7.17
C VAL C 41 -18.83 -25.47 7.87
N LYS C 42 -18.09 -24.36 7.97
CA LYS C 42 -18.59 -23.24 8.68
C LYS C 42 -19.71 -22.60 7.84
N LEU C 43 -19.60 -22.57 6.50
CA LEU C 43 -20.74 -22.07 5.72
C LEU C 43 -21.99 -22.95 5.97
N HIS C 44 -21.75 -24.26 5.94
CA HIS C 44 -22.85 -25.25 6.17
C HIS C 44 -23.52 -25.08 7.53
N GLN C 45 -22.68 -25.00 8.56
CA GLN C 45 -23.12 -24.68 9.94
C GLN C 45 -23.90 -23.37 10.02
N THR C 46 -23.61 -22.42 9.14
CA THR C 46 -24.36 -21.18 9.05
C THR C 46 -25.66 -21.29 8.26
N GLY C 47 -25.88 -22.42 7.58
CA GLY C 47 -27.14 -22.63 6.83
C GLY C 47 -27.11 -22.60 5.31
N TYR C 48 -25.91 -22.47 4.73
CA TYR C 48 -25.71 -22.62 3.31
C TYR C 48 -25.80 -24.10 2.91
N ARG C 49 -26.30 -24.33 1.68
CA ARG C 49 -26.01 -25.54 0.93
C ARG C 49 -24.67 -25.34 0.22
N VAL C 50 -23.85 -26.40 0.13
CA VAL C 50 -22.44 -26.24 -0.37
C VAL C 50 -22.08 -27.19 -1.51
N VAL C 51 -21.31 -26.69 -2.47
CA VAL C 51 -20.68 -27.49 -3.51
C VAL C 51 -19.23 -27.57 -3.07
N ILE C 52 -18.80 -28.79 -2.83
CA ILE C 52 -17.47 -29.10 -2.43
C ILE C 52 -16.65 -29.43 -3.68
N HIS C 53 -15.84 -28.49 -4.17
CA HIS C 53 -15.01 -28.75 -5.33
C HIS C 53 -13.71 -29.45 -4.91
N TYR C 54 -13.24 -30.36 -5.80
CA TYR C 54 -12.04 -31.11 -5.62
C TYR C 54 -11.38 -31.42 -6.98
N HIS C 55 -10.08 -31.63 -6.94
CA HIS C 55 -9.33 -32.07 -8.10
C HIS C 55 -8.90 -33.56 -7.93
N ASN C 56 -7.94 -33.82 -7.03
CA ASN C 56 -7.44 -35.18 -6.75
C ASN C 56 -8.05 -35.78 -5.47
N SER C 57 -8.74 -34.98 -4.68
CA SER C 57 -9.11 -35.46 -3.33
C SER C 57 -10.56 -35.98 -3.27
N ALA C 58 -10.87 -36.98 -4.10
CA ALA C 58 -12.25 -37.50 -4.19
C ALA C 58 -12.80 -38.10 -2.90
N GLU C 59 -12.00 -38.99 -2.32
CA GLU C 59 -12.40 -39.74 -1.13
C GLU C 59 -12.70 -38.72 -0.02
N ALA C 60 -11.80 -37.73 0.14
CA ALA C 60 -11.98 -36.74 1.22
C ALA C 60 -13.17 -35.82 0.94
N ALA C 61 -13.41 -35.47 -0.34
CA ALA C 61 -14.54 -34.59 -0.72
C ALA C 61 -15.87 -35.26 -0.38
N VAL C 62 -15.97 -36.53 -0.72
CA VAL C 62 -17.21 -37.32 -0.45
C VAL C 62 -17.43 -37.55 1.02
N SER C 63 -16.34 -37.84 1.73
CA SER C 63 -16.35 -37.96 3.17
C SER C 63 -16.96 -36.72 3.83
N LEU C 64 -16.54 -35.52 3.37
CA LEU C 64 -17.13 -34.31 3.93
C LEU C 64 -18.57 -34.13 3.52
N ALA C 65 -18.91 -34.42 2.25
CA ALA C 65 -20.32 -34.28 1.82
C ALA C 65 -21.25 -35.22 2.62
N ASP C 66 -20.74 -36.42 2.95
CA ASP C 66 -21.54 -37.43 3.72
C ASP C 66 -21.81 -36.87 5.14
N GLU C 67 -20.73 -36.35 5.77
CA GLU C 67 -20.82 -35.68 7.07
C GLU C 67 -21.82 -34.52 7.06
N LEU C 68 -21.74 -33.63 6.07
CA LEU C 68 -22.74 -32.54 5.97
C LEU C 68 -24.21 -33.00 5.72
N ASN C 69 -24.39 -33.93 4.79
CA ASN C 69 -25.72 -34.43 4.45
C ASN C 69 -26.36 -35.26 5.62
N LYS C 70 -25.54 -35.93 6.44
CA LYS C 70 -26.04 -36.56 7.70
C LYS C 70 -26.61 -35.50 8.62
N GLU C 71 -26.01 -34.31 8.61
CA GLU C 71 -26.51 -33.25 9.45
C GLU C 71 -27.83 -32.70 8.90
N ARG C 72 -27.90 -32.44 7.58
CA ARG C 72 -29.11 -31.87 6.89
C ARG C 72 -29.15 -32.46 5.51
N SER C 73 -30.18 -33.26 5.18
CA SER C 73 -29.99 -34.06 3.96
C SER C 73 -30.11 -33.22 2.68
N ASN C 74 -29.39 -33.69 1.65
CA ASN C 74 -29.35 -33.08 0.34
C ASN C 74 -28.89 -31.58 0.45
N THR C 75 -27.91 -31.34 1.31
CA THR C 75 -27.37 -29.97 1.40
C THR C 75 -25.93 -29.80 0.90
N ALA C 76 -25.29 -30.90 0.47
CA ALA C 76 -23.86 -30.89 0.06
C ALA C 76 -23.71 -31.84 -1.15
N VAL C 77 -23.09 -31.32 -2.18
CA VAL C 77 -22.72 -32.06 -3.40
C VAL C 77 -21.21 -31.82 -3.67
N VAL C 78 -20.61 -32.76 -4.39
CA VAL C 78 -19.24 -32.60 -4.84
C VAL C 78 -19.15 -32.27 -6.32
N CYS C 79 -18.02 -31.63 -6.69
CA CYS C 79 -17.82 -31.29 -8.08
C CYS C 79 -16.33 -31.41 -8.44
N GLN C 80 -15.99 -32.29 -9.40
CA GLN C 80 -14.61 -32.52 -9.74
C GLN C 80 -14.20 -31.51 -10.79
N ALA C 81 -13.03 -30.90 -10.62
CA ALA C 81 -12.46 -30.15 -11.81
C ALA C 81 -11.00 -29.85 -11.63
N ASP C 82 -10.20 -29.97 -12.69
CA ASP C 82 -8.78 -29.51 -12.64
C ASP C 82 -8.79 -28.03 -12.89
N LEU C 83 -8.17 -27.23 -11.99
CA LEU C 83 -8.12 -25.77 -12.17
C LEU C 83 -6.82 -25.21 -12.80
N THR C 84 -5.97 -26.12 -13.26
CA THR C 84 -4.83 -25.76 -14.13
C THR C 84 -5.29 -24.89 -15.32
N ASN C 85 -4.55 -23.83 -15.68
CA ASN C 85 -4.88 -23.11 -16.96
C ASN C 85 -4.72 -24.05 -18.22
N SER C 86 -5.75 -24.07 -19.07
CA SER C 86 -5.70 -24.72 -20.39
C SER C 86 -6.86 -24.20 -21.22
N ASN C 87 -6.95 -24.69 -22.47
CA ASN C 87 -8.08 -24.35 -23.38
C ASN C 87 -9.40 -24.84 -22.80
N VAL C 88 -9.35 -25.81 -21.89
CA VAL C 88 -10.63 -26.29 -21.20
C VAL C 88 -11.00 -25.64 -19.84
N LEU C 89 -10.10 -24.83 -19.24
CA LEU C 89 -10.45 -24.20 -17.95
C LEU C 89 -11.75 -23.38 -18.02
N PRO C 90 -11.95 -22.59 -19.09
CA PRO C 90 -13.22 -21.90 -18.99
C PRO C 90 -14.44 -22.83 -18.83
N ALA C 91 -14.49 -23.90 -19.64
CA ALA C 91 -15.58 -24.89 -19.50
C ALA C 91 -15.60 -25.54 -18.13
N SER C 92 -14.46 -25.90 -17.54
CA SER C 92 -14.49 -26.46 -16.19
C SER C 92 -15.08 -25.51 -15.13
N CYS C 93 -14.71 -24.21 -15.22
CA CYS C 93 -15.16 -23.19 -14.28
C CYS C 93 -16.67 -22.98 -14.43
N GLU C 94 -17.12 -22.92 -15.70
CA GLU C 94 -18.56 -22.82 -15.98
C GLU C 94 -19.34 -24.00 -15.34
N GLU C 95 -18.74 -25.20 -15.36
CA GLU C 95 -19.37 -26.41 -14.82
C GLU C 95 -19.46 -26.34 -13.32
N ILE C 96 -18.40 -25.81 -12.66
CA ILE C 96 -18.45 -25.69 -11.19
C ILE C 96 -19.64 -24.81 -10.78
N ILE C 97 -19.76 -23.70 -11.48
CA ILE C 97 -20.83 -22.78 -11.12
C ILE C 97 -22.17 -23.48 -11.46
N ASN C 98 -22.21 -24.13 -12.62
CA ASN C 98 -23.49 -24.83 -13.03
C ASN C 98 -23.94 -25.89 -12.05
N SER C 99 -22.98 -26.63 -11.52
N SER C 99 -22.97 -26.62 -11.50
CA SER C 99 -23.25 -27.66 -10.54
CA SER C 99 -23.21 -27.66 -10.50
C SER C 99 -24.05 -27.09 -9.35
C SER C 99 -23.91 -27.15 -9.23
N CYS C 100 -23.71 -25.86 -8.94
CA CYS C 100 -24.39 -25.21 -7.83
C CYS C 100 -25.85 -24.92 -8.18
N PHE C 101 -26.04 -24.34 -9.37
CA PHE C 101 -27.37 -24.02 -9.91
C PHE C 101 -28.24 -25.29 -10.12
N ARG C 102 -27.63 -26.34 -10.63
CA ARG C 102 -28.34 -27.63 -10.77
C ARG C 102 -28.79 -28.19 -9.46
N ALA C 103 -27.86 -28.27 -8.50
CA ALA C 103 -28.16 -28.86 -7.23
C ALA C 103 -29.17 -28.01 -6.46
N PHE C 104 -29.00 -26.71 -6.41
CA PHE C 104 -29.69 -25.94 -5.43
C PHE C 104 -30.56 -24.84 -6.00
N GLY C 105 -30.50 -24.63 -7.30
CA GLY C 105 -31.31 -23.60 -7.99
C GLY C 105 -30.86 -22.15 -7.83
N ARG C 106 -29.63 -21.96 -7.30
CA ARG C 106 -29.17 -20.59 -6.99
C ARG C 106 -27.67 -20.76 -6.62
N CYS C 107 -26.94 -19.65 -6.70
CA CYS C 107 -25.54 -19.63 -6.24
C CYS C 107 -25.27 -18.22 -5.67
N ASP C 108 -25.17 -18.14 -4.36
CA ASP C 108 -25.15 -16.84 -3.68
C ASP C 108 -23.72 -16.44 -3.37
N VAL C 109 -22.87 -17.44 -3.13
CA VAL C 109 -21.49 -17.24 -2.61
C VAL C 109 -20.47 -18.09 -3.42
N LEU C 110 -19.35 -17.44 -3.84
CA LEU C 110 -18.21 -18.14 -4.44
C LEU C 110 -16.97 -17.89 -3.55
N VAL C 111 -16.31 -18.95 -3.08
CA VAL C 111 -15.11 -18.84 -2.33
C VAL C 111 -13.99 -19.44 -3.21
N ASN C 112 -13.07 -18.57 -3.67
CA ASN C 112 -11.95 -19.01 -4.49
C ASN C 112 -10.81 -19.35 -3.53
N ASN C 113 -10.77 -20.62 -3.14
CA ASN C 113 -9.84 -21.06 -2.12
C ASN C 113 -8.72 -21.97 -2.68
N ALA C 114 -9.00 -22.75 -3.74
CA ALA C 114 -8.03 -23.69 -4.29
C ALA C 114 -6.73 -22.97 -4.69
N SER C 115 -5.60 -23.62 -4.50
CA SER C 115 -4.34 -22.94 -4.73
C SER C 115 -3.17 -23.91 -4.85
N ALA C 116 -2.29 -23.71 -5.83
CA ALA C 116 -1.01 -24.40 -5.88
C ALA C 116 0.07 -23.50 -5.26
N PHE C 117 1.05 -24.13 -4.63
CA PHE C 117 2.08 -23.44 -3.85
C PHE C 117 3.38 -24.24 -3.93
N TYR C 118 4.40 -23.72 -4.59
CA TYR C 118 5.74 -24.33 -4.62
C TYR C 118 6.73 -23.32 -5.24
N PRO C 119 8.05 -23.50 -4.98
CA PRO C 119 9.00 -22.51 -5.47
C PRO C 119 9.25 -22.67 -6.96
N THR C 120 9.56 -21.58 -7.64
CA THR C 120 9.94 -21.54 -9.06
C THR C 120 11.17 -20.61 -9.15
N PRO C 121 12.36 -21.09 -8.80
CA PRO C 121 13.60 -20.25 -8.79
C PRO C 121 13.89 -19.58 -10.14
N LEU C 122 14.32 -18.32 -10.09
CA LEU C 122 14.60 -17.62 -11.33
C LEU C 122 15.94 -18.11 -11.99
N VAL C 123 16.88 -18.57 -11.17
CA VAL C 123 18.23 -18.99 -11.55
C VAL C 123 18.40 -20.45 -11.10
N GLN C 124 18.67 -21.35 -12.05
CA GLN C 124 18.54 -22.81 -11.88
C GLN C 124 19.86 -23.47 -11.60
N GLY C 133 10.56 -32.91 -12.53
CA GLY C 133 10.58 -31.51 -12.91
C GLY C 133 9.48 -31.16 -13.92
N LYS C 134 8.62 -30.21 -13.53
CA LYS C 134 7.61 -29.62 -14.42
C LYS C 134 8.33 -28.64 -15.32
N THR C 135 7.87 -28.50 -16.57
CA THR C 135 8.34 -27.43 -17.42
C THR C 135 7.89 -26.08 -16.79
N VAL C 136 8.58 -25.01 -17.21
CA VAL C 136 8.19 -23.69 -16.81
C VAL C 136 6.75 -23.39 -17.17
N GLU C 137 6.32 -23.74 -18.42
CA GLU C 137 4.99 -23.40 -18.85
C GLU C 137 3.87 -24.19 -18.12
N THR C 138 4.22 -25.38 -17.62
CA THR C 138 3.33 -26.07 -16.65
C THR C 138 3.23 -25.37 -15.26
N GLN C 139 4.37 -24.89 -14.77
CA GLN C 139 4.40 -24.15 -13.49
C GLN C 139 3.56 -22.88 -13.64
N VAL C 140 3.65 -22.25 -14.78
CA VAL C 140 2.78 -21.09 -15.14
C VAL C 140 1.28 -21.49 -15.14
N ALA C 141 0.97 -22.60 -15.81
CA ALA C 141 -0.42 -23.07 -15.83
C ALA C 141 -1.02 -23.39 -14.42
N GLU C 142 -0.22 -23.99 -13.54
CA GLU C 142 -0.64 -24.34 -12.21
C GLU C 142 -0.67 -23.13 -11.29
N LEU C 143 0.46 -22.44 -11.19
CA LEU C 143 0.56 -21.32 -10.24
C LEU C 143 -0.27 -20.13 -10.69
N ILE C 144 -0.23 -19.75 -11.97
CA ILE C 144 -1.07 -18.62 -12.40
C ILE C 144 -2.49 -19.07 -12.71
N GLY C 145 -2.65 -20.25 -13.33
CA GLY C 145 -4.04 -20.75 -13.58
C GLY C 145 -4.91 -20.95 -12.35
N THR C 146 -4.40 -21.77 -11.46
N THR C 146 -4.46 -21.81 -11.40
CA THR C 146 -5.14 -22.09 -10.29
CA THR C 146 -5.21 -22.01 -10.13
C THR C 146 -5.32 -20.90 -9.32
C THR C 146 -5.43 -20.73 -9.40
N ASN C 147 -4.33 -19.99 -9.18
CA ASN C 147 -4.42 -18.93 -8.17
CA ASN C 147 -4.37 -18.88 -8.20
C ASN C 147 -5.03 -17.63 -8.71
N ALA C 148 -5.07 -17.48 -10.01
CA ALA C 148 -5.60 -16.24 -10.57
C ALA C 148 -6.60 -16.42 -11.72
N ILE C 149 -6.23 -17.22 -12.72
CA ILE C 149 -7.08 -17.33 -13.89
C ILE C 149 -8.40 -18.09 -13.56
N ALA C 150 -8.29 -19.20 -12.89
CA ALA C 150 -9.56 -19.90 -12.42
C ALA C 150 -10.48 -19.02 -11.58
N PRO C 151 -9.94 -18.29 -10.57
CA PRO C 151 -10.74 -17.27 -9.90
C PRO C 151 -11.42 -16.26 -10.85
N PHE C 152 -10.67 -15.76 -11.86
CA PHE C 152 -11.27 -14.83 -12.82
C PHE C 152 -12.46 -15.51 -13.61
N LEU C 153 -12.22 -16.73 -14.08
CA LEU C 153 -13.26 -17.40 -14.94
C LEU C 153 -14.46 -17.80 -14.10
N LEU C 154 -14.20 -18.31 -12.90
CA LEU C 154 -15.30 -18.55 -11.91
C LEU C 154 -16.15 -17.29 -11.62
N THR C 155 -15.48 -16.13 -11.49
CA THR C 155 -16.09 -14.87 -11.19
C THR C 155 -16.99 -14.50 -12.39
N MET C 156 -16.46 -14.66 -13.61
CA MET C 156 -17.21 -14.40 -14.84
C MET C 156 -18.47 -15.31 -14.90
N SER C 157 -18.29 -16.61 -14.71
CA SER C 157 -19.47 -17.57 -14.75
C SER C 157 -20.49 -17.25 -13.63
N PHE C 158 -19.98 -17.01 -12.39
CA PHE C 158 -20.85 -16.59 -11.26
C PHE C 158 -21.66 -15.35 -11.58
N ALA C 159 -21.01 -14.28 -12.11
CA ALA C 159 -21.77 -13.00 -12.41
C ALA C 159 -22.77 -13.14 -13.56
N GLN C 160 -22.36 -13.89 -14.59
CA GLN C 160 -23.17 -14.14 -15.81
C GLN C 160 -24.49 -14.82 -15.45
N ARG C 161 -24.43 -15.81 -14.55
CA ARG C 161 -25.59 -16.59 -14.11
C ARG C 161 -26.48 -15.81 -13.11
N GLN C 162 -26.19 -14.56 -12.77
CA GLN C 162 -27.06 -13.83 -11.84
C GLN C 162 -28.09 -12.97 -12.56
N SER C 171 -33.57 -8.49 -0.10
CA SER C 171 -33.39 -9.46 -1.17
C SER C 171 -32.14 -10.37 -0.91
N SER C 172 -31.34 -10.61 -1.95
CA SER C 172 -30.20 -11.53 -1.90
C SER C 172 -28.92 -10.87 -1.30
N ASN C 173 -27.96 -11.69 -0.89
CA ASN C 173 -26.67 -11.17 -0.44
C ASN C 173 -25.55 -11.99 -1.17
N LEU C 174 -25.27 -11.59 -2.40
CA LEU C 174 -24.35 -12.27 -3.32
C LEU C 174 -22.94 -11.70 -3.06
N SER C 175 -21.98 -12.61 -2.87
CA SER C 175 -20.58 -12.13 -2.79
C SER C 175 -19.57 -13.23 -3.13
N ILE C 176 -18.33 -12.78 -3.35
CA ILE C 176 -17.24 -13.64 -3.72
C ILE C 176 -16.15 -13.34 -2.67
N VAL C 177 -15.46 -14.37 -2.21
CA VAL C 177 -14.35 -14.15 -1.29
C VAL C 177 -13.12 -14.89 -1.89
N ASN C 178 -12.00 -14.15 -2.08
CA ASN C 178 -10.77 -14.72 -2.64
C ASN C 178 -9.77 -14.95 -1.53
N LEU C 179 -9.19 -16.14 -1.47
CA LEU C 179 -8.12 -16.46 -0.49
C LEU C 179 -6.78 -15.93 -0.99
N CYS C 180 -6.37 -14.81 -0.36
CA CYS C 180 -5.22 -13.99 -0.75
C CYS C 180 -4.04 -14.44 0.11
N ASP C 181 -3.01 -13.57 0.32
CA ASP C 181 -1.85 -14.00 1.11
C ASP C 181 -1.30 -12.71 1.79
N ALA C 182 -1.20 -12.74 3.11
CA ALA C 182 -0.84 -11.52 3.84
C ALA C 182 0.63 -11.15 3.55
N MET C 183 1.43 -12.11 3.07
CA MET C 183 2.90 -11.94 2.90
C MET C 183 3.30 -11.62 1.46
N VAL C 184 2.32 -11.15 0.67
CA VAL C 184 2.49 -10.86 -0.74
C VAL C 184 3.56 -9.76 -1.00
N ASP C 185 3.73 -8.83 -0.04
CA ASP C 185 4.76 -7.80 -0.21
C ASP C 185 6.07 -8.08 0.46
N GLN C 186 6.18 -9.23 1.12
CA GLN C 186 7.41 -9.64 1.72
C GLN C 186 7.53 -11.13 1.36
N PRO C 187 7.68 -11.42 0.06
CA PRO C 187 7.48 -12.82 -0.36
C PRO C 187 8.59 -13.82 0.07
N CYS C 188 8.26 -15.12 0.07
CA CYS C 188 9.26 -16.16 0.26
C CYS C 188 10.22 -16.17 -0.92
N MET C 189 11.48 -16.37 -0.57
CA MET C 189 12.59 -16.44 -1.56
C MET C 189 12.30 -17.55 -2.63
N ALA C 190 12.46 -17.22 -3.91
CA ALA C 190 12.27 -18.17 -5.02
C ALA C 190 10.80 -18.58 -5.26
N PHE C 191 9.85 -17.79 -4.81
CA PHE C 191 8.44 -18.07 -5.07
C PHE C 191 7.85 -17.05 -6.02
N SER C 192 8.57 -16.63 -7.10
CA SER C 192 8.03 -15.52 -7.94
CA SER C 192 8.04 -15.56 -8.01
C SER C 192 6.68 -15.82 -8.62
N LEU C 193 6.53 -16.97 -9.29
CA LEU C 193 5.24 -17.25 -9.93
C LEU C 193 4.08 -17.30 -8.95
N TYR C 194 4.29 -17.94 -7.81
CA TYR C 194 3.25 -18.01 -6.79
C TYR C 194 2.84 -16.54 -6.41
N ASN C 195 3.86 -15.71 -6.18
CA ASN C 195 3.63 -14.32 -5.73
CA ASN C 195 3.59 -14.35 -5.75
C ASN C 195 2.94 -13.55 -6.81
N MET C 196 3.37 -13.77 -8.07
CA MET C 196 2.69 -13.09 -9.19
C MET C 196 1.19 -13.42 -9.19
N GLY C 197 0.84 -14.71 -9.01
CA GLY C 197 -0.55 -15.16 -9.04
C GLY C 197 -1.36 -14.54 -7.88
N LYS C 198 -0.75 -14.48 -6.67
CA LYS C 198 -1.47 -13.85 -5.52
C LYS C 198 -1.60 -12.34 -5.68
N HIS C 199 -0.60 -11.70 -6.28
CA HIS C 199 -0.80 -10.30 -6.64
C HIS C 199 -1.89 -10.13 -7.71
N ALA C 200 -1.87 -10.98 -8.77
CA ALA C 200 -2.96 -10.93 -9.72
C ALA C 200 -4.34 -11.10 -9.04
N LEU C 201 -4.40 -11.95 -8.04
CA LEU C 201 -5.70 -12.21 -7.31
C LEU C 201 -6.15 -10.96 -6.51
N VAL C 202 -5.20 -10.20 -5.95
CA VAL C 202 -5.54 -8.81 -5.40
C VAL C 202 -6.17 -7.95 -6.50
N GLY C 203 -5.53 -7.89 -7.69
CA GLY C 203 -6.08 -7.03 -8.78
C GLY C 203 -7.50 -7.50 -9.19
N LEU C 204 -7.71 -8.82 -9.28
CA LEU C 204 -9.05 -9.37 -9.59
C LEU C 204 -10.05 -8.91 -8.54
N THR C 205 -9.65 -9.02 -7.26
CA THR C 205 -10.53 -8.67 -6.15
C THR C 205 -11.02 -7.21 -6.31
N GLN C 206 -10.09 -6.28 -6.65
CA GLN C 206 -10.45 -4.89 -6.76
C GLN C 206 -11.21 -4.64 -8.03
N SER C 207 -10.75 -5.18 -9.19
CA SER C 207 -11.43 -4.93 -10.47
C SER C 207 -12.85 -5.47 -10.44
N ALA C 208 -13.02 -6.66 -9.90
CA ALA C 208 -14.36 -7.29 -9.90
C ALA C 208 -15.21 -6.60 -8.88
N ALA C 209 -14.62 -6.21 -7.70
CA ALA C 209 -15.46 -5.43 -6.75
C ALA C 209 -16.06 -4.19 -7.47
N LEU C 210 -15.23 -3.44 -8.21
CA LEU C 210 -15.76 -2.25 -8.91
C LEU C 210 -16.87 -2.55 -9.97
N GLU C 211 -16.56 -3.51 -10.85
CA GLU C 211 -17.40 -3.86 -12.01
C GLU C 211 -18.70 -4.58 -11.63
N LEU C 212 -18.69 -5.31 -10.52
CA LEU C 212 -19.87 -6.06 -10.12
C LEU C 212 -20.70 -5.38 -9.06
N ALA C 213 -20.18 -4.30 -8.48
CA ALA C 213 -20.98 -3.53 -7.49
C ALA C 213 -22.39 -3.16 -8.02
N PRO C 214 -22.52 -2.77 -9.30
CA PRO C 214 -23.83 -2.44 -9.86
C PRO C 214 -24.84 -3.57 -9.78
N TYR C 215 -24.38 -4.82 -9.74
CA TYR C 215 -25.24 -5.99 -9.67
C TYR C 215 -25.50 -6.41 -8.24
N GLY C 216 -24.99 -5.66 -7.27
CA GLY C 216 -25.08 -6.05 -5.86
C GLY C 216 -24.19 -7.25 -5.52
N ILE C 217 -23.20 -7.57 -6.36
CA ILE C 217 -22.24 -8.63 -6.01
C ILE C 217 -21.02 -7.96 -5.35
N ARG C 218 -20.77 -8.31 -4.08
CA ARG C 218 -19.59 -7.82 -3.35
C ARG C 218 -18.42 -8.79 -3.62
N VAL C 219 -17.19 -8.24 -3.61
CA VAL C 219 -16.03 -9.09 -3.88
C VAL C 219 -14.93 -8.70 -2.89
N ASN C 220 -14.48 -9.64 -2.07
CA ASN C 220 -13.55 -9.34 -0.99
C ASN C 220 -12.51 -10.43 -0.88
N GLY C 221 -11.50 -10.21 -0.02
CA GLY C 221 -10.49 -11.21 0.21
C GLY C 221 -10.20 -11.44 1.70
N VAL C 222 -9.62 -12.62 1.96
CA VAL C 222 -9.10 -12.99 3.25
C VAL C 222 -7.66 -13.42 3.00
N ALA C 223 -6.74 -12.83 3.77
CA ALA C 223 -5.33 -13.01 3.50
C ALA C 223 -4.69 -13.64 4.75
N PRO C 224 -4.49 -14.99 4.74
CA PRO C 224 -3.77 -15.64 5.87
C PRO C 224 -2.26 -15.37 5.87
N GLY C 225 -1.64 -15.52 7.03
CA GLY C 225 -0.20 -15.45 7.09
C GLY C 225 0.33 -16.86 7.08
N VAL C 226 0.77 -17.36 8.24
CA VAL C 226 0.92 -18.81 8.39
C VAL C 226 -0.39 -19.38 8.98
N SER C 227 -1.01 -20.27 8.24
CA SER C 227 -2.11 -21.08 8.80
C SER C 227 -1.60 -22.53 8.83
N LEU C 228 -2.47 -23.53 8.63
CA LEU C 228 -2.00 -24.93 8.38
C LEU C 228 -0.76 -24.94 7.45
N LEU C 229 0.38 -25.34 8.02
CA LEU C 229 1.63 -25.43 7.27
C LEU C 229 1.55 -26.59 6.28
N PRO C 230 2.14 -26.42 5.07
CA PRO C 230 2.23 -27.52 4.07
C PRO C 230 2.69 -28.84 4.71
N VAL C 231 1.90 -29.88 4.45
CA VAL C 231 2.19 -31.26 4.90
C VAL C 231 3.65 -31.67 4.65
N ALA C 232 4.15 -31.33 3.45
CA ALA C 232 5.55 -31.51 3.04
C ALA C 232 6.56 -30.96 4.08
N MET C 233 6.36 -29.71 4.53
CA MET C 233 7.29 -28.98 5.40
C MET C 233 7.76 -29.71 6.67
N GLY C 234 9.07 -29.69 6.90
CA GLY C 234 9.63 -30.14 8.16
C GLY C 234 9.01 -29.44 9.36
N GLU C 235 8.93 -30.17 10.47
CA GLU C 235 8.55 -29.69 11.79
C GLU C 235 9.42 -28.53 12.31
N GLU C 236 10.73 -28.58 12.03
CA GLU C 236 11.69 -27.54 12.46
C GLU C 236 11.46 -26.17 11.76
N GLU C 237 11.30 -26.21 10.44
CA GLU C 237 10.88 -25.05 9.61
C GLU C 237 9.53 -24.46 10.07
N LYS C 238 8.61 -25.34 10.48
CA LYS C 238 7.27 -24.96 10.98
C LYS C 238 7.40 -24.17 12.29
N ASP C 239 8.20 -24.66 13.24
CA ASP C 239 8.42 -23.93 14.50
C ASP C 239 9.15 -22.61 14.31
N LYS C 240 10.12 -22.58 13.38
CA LYS C 240 10.82 -21.36 12.97
C LYS C 240 9.79 -20.28 12.62
N TRP C 241 8.79 -20.63 11.79
CA TRP C 241 7.71 -19.68 11.38
C TRP C 241 6.76 -19.31 12.50
N ARG C 242 6.32 -20.31 13.28
CA ARG C 242 5.42 -20.06 14.41
C ARG C 242 6.05 -19.04 15.34
N ARG C 243 7.36 -19.18 15.56
CA ARG C 243 8.12 -18.28 16.46
C ARG C 243 8.08 -16.77 16.05
N LYS C 244 7.83 -16.50 14.76
CA LYS C 244 7.85 -15.14 14.17
C LYS C 244 6.55 -14.41 14.45
N VAL C 245 5.47 -15.15 14.73
CA VAL C 245 4.12 -14.58 14.79
C VAL C 245 3.94 -13.82 16.13
N PRO C 246 3.70 -12.50 16.09
CA PRO C 246 3.54 -11.72 17.36
C PRO C 246 2.38 -12.26 18.24
N LEU C 247 1.23 -12.59 17.65
CA LEU C 247 0.10 -12.98 18.42
C LEU C 247 0.11 -14.48 18.77
N GLY C 248 0.82 -14.84 19.84
CA GLY C 248 0.79 -16.22 20.44
C GLY C 248 1.74 -17.17 19.77
N ARG C 249 2.55 -16.71 18.82
CA ARG C 249 3.69 -17.56 18.39
C ARG C 249 3.22 -18.92 17.81
N ARG C 250 2.08 -18.90 17.12
CA ARG C 250 1.49 -20.13 16.55
C ARG C 250 0.87 -19.73 15.25
N GLU C 251 0.58 -20.74 14.41
CA GLU C 251 -0.20 -20.50 13.17
C GLU C 251 -1.73 -20.35 13.41
N ALA C 252 -2.42 -19.82 12.38
CA ALA C 252 -3.89 -19.68 12.48
C ALA C 252 -4.41 -21.09 12.33
N SER C 253 -5.46 -21.42 13.06
CA SER C 253 -6.18 -22.62 12.67
C SER C 253 -6.93 -22.31 11.35
N ALA C 254 -7.37 -23.37 10.65
CA ALA C 254 -8.24 -23.21 9.49
C ALA C 254 -9.57 -22.49 9.84
N GLU C 255 -10.10 -22.77 11.03
CA GLU C 255 -11.38 -22.18 11.41
CA GLU C 255 -11.36 -22.21 11.49
C GLU C 255 -11.28 -20.67 11.63
N GLN C 256 -10.13 -20.20 12.11
CA GLN C 256 -9.88 -18.73 12.23
C GLN C 256 -9.91 -18.09 10.86
N ILE C 257 -9.30 -18.74 9.87
CA ILE C 257 -9.50 -18.24 8.47
C ILE C 257 -10.96 -18.24 8.07
N ALA C 258 -11.63 -19.37 8.32
CA ALA C 258 -13.04 -19.48 7.88
C ALA C 258 -13.91 -18.45 8.55
N ASP C 259 -13.57 -18.10 9.81
CA ASP C 259 -14.36 -17.06 10.56
C ASP C 259 -14.43 -15.72 9.77
N ALA C 260 -13.32 -15.34 9.14
CA ALA C 260 -13.28 -14.06 8.40
C ALA C 260 -14.07 -14.16 7.06
N VAL C 261 -14.05 -15.33 6.47
CA VAL C 261 -14.90 -15.62 5.30
C VAL C 261 -16.36 -15.49 5.67
N ILE C 262 -16.75 -16.13 6.78
CA ILE C 262 -18.17 -16.07 7.26
C ILE C 262 -18.61 -14.62 7.49
N PHE C 263 -17.73 -13.83 8.15
CA PHE C 263 -18.02 -12.39 8.33
C PHE C 263 -18.29 -11.71 6.95
N LEU C 264 -17.36 -11.86 5.99
CA LEU C 264 -17.49 -11.17 4.71
C LEU C 264 -18.72 -11.61 3.89
N VAL C 265 -19.15 -12.87 3.99
CA VAL C 265 -20.42 -13.24 3.26
C VAL C 265 -21.72 -12.79 4.00
N SER C 266 -21.58 -12.46 5.29
CA SER C 266 -22.75 -12.21 6.15
C SER C 266 -23.40 -10.87 5.84
N GLY C 267 -24.59 -10.65 6.43
CA GLY C 267 -25.28 -9.38 6.39
C GLY C 267 -24.57 -8.29 7.17
N SER C 268 -23.63 -8.65 8.03
CA SER C 268 -22.84 -7.63 8.77
C SER C 268 -21.75 -6.99 7.88
N ALA C 269 -21.59 -7.49 6.64
CA ALA C 269 -20.58 -6.92 5.72
C ALA C 269 -21.23 -6.37 4.44
N GLN C 270 -22.51 -5.99 4.52
CA GLN C 270 -23.24 -5.59 3.28
C GLN C 270 -22.75 -4.35 2.57
N TYR C 271 -21.93 -3.55 3.27
CA TYR C 271 -21.36 -2.36 2.63
C TYR C 271 -19.89 -2.59 2.26
N ILE C 272 -19.35 -3.76 2.56
CA ILE C 272 -17.91 -4.02 2.35
C ILE C 272 -17.70 -4.67 0.95
N THR C 273 -16.97 -3.98 0.07
CA THR C 273 -16.51 -4.61 -1.15
C THR C 273 -15.13 -4.01 -1.51
N GLY C 274 -14.27 -4.87 -2.10
CA GLY C 274 -12.91 -4.49 -2.45
C GLY C 274 -11.97 -4.53 -1.24
N SER C 275 -12.40 -5.12 -0.13
CA SER C 275 -11.56 -5.19 1.04
C SER C 275 -10.88 -6.52 1.16
N ILE C 276 -9.64 -6.48 1.66
CA ILE C 276 -8.88 -7.71 1.94
C ILE C 276 -8.54 -7.69 3.44
N ILE C 277 -9.08 -8.70 4.19
CA ILE C 277 -8.85 -8.72 5.59
C ILE C 277 -7.70 -9.66 5.89
N LYS C 278 -6.58 -9.12 6.44
CA LYS C 278 -5.50 -10.00 6.89
C LYS C 278 -5.93 -10.76 8.11
N VAL C 279 -5.48 -12.02 8.19
CA VAL C 279 -5.71 -12.87 9.34
C VAL C 279 -4.41 -13.56 9.54
N ASP C 280 -3.46 -12.81 10.08
CA ASP C 280 -2.05 -13.25 10.16
C ASP C 280 -1.37 -13.14 11.53
N GLY C 281 -2.16 -12.79 12.56
CA GLY C 281 -1.55 -12.69 13.94
C GLY C 281 -0.45 -11.62 14.00
N GLY C 282 -0.43 -10.65 13.05
CA GLY C 282 0.61 -9.63 13.05
C GLY C 282 1.85 -9.94 12.25
N LEU C 283 1.91 -11.15 11.64
CA LEU C 283 3.14 -11.60 10.99
C LEU C 283 3.70 -10.59 10.00
N SER C 284 2.84 -10.06 9.14
CA SER C 284 3.32 -9.15 8.10
C SER C 284 3.83 -7.79 8.65
N LEU C 285 3.62 -7.48 9.93
CA LEU C 285 4.17 -6.26 10.54
C LEU C 285 5.63 -6.43 11.04
N VAL C 286 6.15 -7.68 11.02
CA VAL C 286 7.41 -7.97 11.64
C VAL C 286 8.57 -7.71 10.63
N HIS C 287 9.50 -6.82 10.97
CA HIS C 287 10.62 -6.56 10.09
C HIS C 287 11.61 -7.76 10.13
N ALA C 288 12.50 -7.78 9.12
CA ALA C 288 13.58 -8.75 8.91
C ALA C 288 14.47 -8.83 10.13
N GLU D 22 -18.37 -11.40 35.21
CA GLU D 22 -19.41 -10.44 34.76
C GLU D 22 -19.31 -10.16 33.23
N ALA D 23 -20.07 -9.16 32.76
CA ALA D 23 -20.04 -8.65 31.43
C ALA D 23 -18.68 -7.90 31.13
N PRO D 24 -18.13 -8.08 29.91
CA PRO D 24 -16.97 -7.21 29.56
C PRO D 24 -17.34 -5.70 29.47
N ALA D 25 -16.33 -4.81 29.48
CA ALA D 25 -16.59 -3.34 29.40
C ALA D 25 -15.76 -2.75 28.27
N ALA D 26 -16.37 -1.73 27.64
CA ALA D 26 -15.76 -1.01 26.49
C ALA D 26 -15.79 0.50 26.73
N VAL D 27 -14.72 1.19 26.30
CA VAL D 27 -14.75 2.67 26.15
C VAL D 27 -14.93 3.03 24.66
N VAL D 28 -15.85 3.93 24.38
CA VAL D 28 -16.03 4.41 23.01
C VAL D 28 -15.83 5.90 23.11
N THR D 29 -14.81 6.45 22.42
CA THR D 29 -14.65 7.92 22.43
C THR D 29 -15.61 8.59 21.44
N GLY D 30 -16.03 9.80 21.78
CA GLY D 30 -16.97 10.58 20.90
C GLY D 30 -18.23 9.74 20.61
N ALA D 31 -18.79 9.15 21.67
CA ALA D 31 -19.94 8.19 21.51
C ALA D 31 -21.37 8.76 21.63
N ALA D 32 -21.51 10.09 21.78
CA ALA D 32 -22.83 10.71 21.98
C ALA D 32 -23.64 10.69 20.73
N LYS D 33 -22.98 10.75 19.58
CA LYS D 33 -23.74 10.95 18.33
C LYS D 33 -23.20 10.10 17.18
N ARG D 34 -23.97 9.99 16.11
CA ARG D 34 -23.51 9.42 14.83
C ARG D 34 -22.81 8.05 14.97
N ILE D 35 -21.58 7.91 14.47
CA ILE D 35 -21.01 6.56 14.37
C ILE D 35 -20.61 6.00 15.77
N GLY D 36 -20.09 6.88 16.61
CA GLY D 36 -19.59 6.43 17.94
C GLY D 36 -20.81 5.93 18.76
N ARG D 37 -21.91 6.65 18.59
CA ARG D 37 -23.21 6.24 19.21
C ARG D 37 -23.67 4.86 18.72
N ALA D 38 -23.66 4.62 17.39
CA ALA D 38 -24.04 3.32 16.85
C ALA D 38 -23.11 2.24 17.32
N ILE D 39 -21.79 2.54 17.52
CA ILE D 39 -20.85 1.54 18.05
C ILE D 39 -21.17 1.19 19.53
N ALA D 40 -21.42 2.22 20.36
CA ALA D 40 -21.76 2.02 21.79
C ALA D 40 -23.06 1.17 21.87
N VAL D 41 -24.05 1.48 21.06
CA VAL D 41 -25.37 0.75 21.08
C VAL D 41 -25.14 -0.68 20.71
N LYS D 42 -24.32 -0.93 19.69
CA LYS D 42 -24.19 -2.27 19.20
C LYS D 42 -23.28 -3.07 20.18
N LEU D 43 -22.21 -2.49 20.79
CA LEU D 43 -21.43 -3.23 21.86
C LEU D 43 -22.38 -3.60 23.02
N HIS D 44 -23.20 -2.65 23.39
CA HIS D 44 -24.14 -2.84 24.56
C HIS D 44 -25.11 -4.01 24.25
N GLN D 45 -25.71 -3.97 23.07
CA GLN D 45 -26.53 -5.09 22.56
C GLN D 45 -25.82 -6.43 22.53
N THR D 46 -24.51 -6.43 22.34
CA THR D 46 -23.69 -7.64 22.37
C THR D 46 -23.35 -8.13 23.77
N GLY D 47 -23.60 -7.35 24.81
CA GLY D 47 -23.24 -7.83 26.13
C GLY D 47 -22.36 -6.90 26.93
N TYR D 48 -21.78 -5.88 26.29
CA TYR D 48 -20.79 -5.02 26.93
C TYR D 48 -21.44 -3.98 27.85
N ARG D 49 -20.74 -3.68 28.94
CA ARG D 49 -20.96 -2.40 29.63
C ARG D 49 -20.11 -1.30 28.95
N VAL D 50 -20.65 -0.08 28.85
CA VAL D 50 -19.98 0.99 28.05
C VAL D 50 -19.68 2.26 28.80
N VAL D 51 -18.48 2.84 28.54
CA VAL D 51 -18.24 4.26 28.86
C VAL D 51 -18.46 5.02 27.59
N ILE D 52 -19.37 5.98 27.67
CA ILE D 52 -19.72 6.87 26.59
C ILE D 52 -18.91 8.14 26.80
N HIS D 53 -17.75 8.25 26.14
CA HIS D 53 -16.99 9.50 26.25
C HIS D 53 -17.64 10.59 25.33
N TYR D 54 -17.65 11.86 25.78
CA TYR D 54 -18.19 12.95 24.97
C TYR D 54 -17.39 14.23 25.27
N HIS D 55 -17.49 15.25 24.42
CA HIS D 55 -16.74 16.49 24.70
C HIS D 55 -17.75 17.58 24.97
N ASN D 56 -18.47 17.97 23.92
CA ASN D 56 -19.51 18.98 24.01
C ASN D 56 -20.90 18.38 24.13
N SER D 57 -21.13 17.13 23.70
CA SER D 57 -22.51 16.69 23.52
C SER D 57 -23.06 16.06 24.76
N ALA D 58 -23.21 16.89 25.81
CA ALA D 58 -23.60 16.40 27.12
C ALA D 58 -25.06 15.88 27.16
N GLU D 59 -26.03 16.63 26.61
CA GLU D 59 -27.41 16.15 26.53
C GLU D 59 -27.53 14.79 25.82
N ALA D 60 -26.94 14.67 24.61
CA ALA D 60 -27.00 13.42 23.84
C ALA D 60 -26.29 12.26 24.54
N ALA D 61 -25.17 12.54 25.18
CA ALA D 61 -24.43 11.48 25.96
C ALA D 61 -25.27 10.88 27.11
N VAL D 62 -25.76 11.76 27.99
CA VAL D 62 -26.54 11.32 29.16
C VAL D 62 -27.87 10.62 28.68
N SER D 63 -28.46 11.16 27.62
CA SER D 63 -29.64 10.54 27.04
C SER D 63 -29.42 9.08 26.48
N LEU D 64 -28.27 8.86 25.84
CA LEU D 64 -27.93 7.48 25.42
C LEU D 64 -27.72 6.61 26.64
N ALA D 65 -27.01 7.13 27.66
CA ALA D 65 -26.61 6.31 28.81
C ALA D 65 -27.89 5.87 29.56
N ASP D 66 -28.85 6.80 29.65
CA ASP D 66 -30.22 6.54 30.19
C ASP D 66 -30.92 5.45 29.41
N GLU D 67 -30.94 5.59 28.09
CA GLU D 67 -31.51 4.56 27.22
C GLU D 67 -30.86 3.18 27.48
N LEU D 68 -29.53 3.12 27.48
CA LEU D 68 -28.87 1.81 27.73
C LEU D 68 -29.12 1.23 29.13
N ASN D 69 -29.09 2.08 30.14
CA ASN D 69 -29.29 1.61 31.54
C ASN D 69 -30.73 1.09 31.82
N LYS D 70 -31.69 1.72 31.15
CA LYS D 70 -33.10 1.29 31.16
C LYS D 70 -33.23 -0.11 30.59
N GLU D 71 -32.42 -0.48 29.58
CA GLU D 71 -32.36 -1.84 29.06
C GLU D 71 -31.69 -2.81 30.05
N ARG D 72 -30.55 -2.44 30.61
CA ARG D 72 -29.84 -3.27 31.63
C ARG D 72 -29.26 -2.29 32.64
N SER D 73 -29.80 -2.19 33.84
CA SER D 73 -29.27 -1.25 34.85
CA SER D 73 -29.25 -1.20 34.80
C SER D 73 -27.75 -1.38 35.10
N ASN D 74 -27.10 -0.24 35.35
CA ASN D 74 -25.69 -0.20 35.75
C ASN D 74 -24.77 -0.72 34.60
N THR D 75 -25.14 -0.44 33.36
CA THR D 75 -24.27 -0.93 32.24
C THR D 75 -23.67 0.19 31.34
N ALA D 76 -23.93 1.46 31.69
CA ALA D 76 -23.51 2.64 30.92
C ALA D 76 -23.19 3.82 31.85
N VAL D 77 -22.10 4.52 31.56
CA VAL D 77 -21.75 5.77 32.26
C VAL D 77 -21.20 6.66 31.20
N VAL D 78 -21.26 7.96 31.47
CA VAL D 78 -20.62 8.94 30.60
C VAL D 78 -19.27 9.39 31.20
N CYS D 79 -18.43 10.00 30.35
CA CYS D 79 -17.13 10.57 30.81
C CYS D 79 -16.76 11.70 29.90
N GLN D 80 -16.63 12.92 30.44
CA GLN D 80 -16.47 14.10 29.58
C GLN D 80 -14.94 14.36 29.46
N ALA D 81 -14.47 14.67 28.25
CA ALA D 81 -13.05 15.04 28.11
C ALA D 81 -12.75 15.70 26.82
N ASP D 82 -11.83 16.65 26.85
CA ASP D 82 -11.36 17.33 25.65
C ASP D 82 -10.14 16.55 25.14
N LEU D 83 -10.18 16.11 23.89
CA LEU D 83 -9.09 15.29 23.30
C LEU D 83 -8.08 16.09 22.40
N THR D 84 -8.20 17.42 22.48
CA THR D 84 -7.23 18.33 21.89
C THR D 84 -5.87 18.06 22.55
N ASN D 85 -4.79 18.14 21.74
CA ASN D 85 -3.46 17.93 22.25
C ASN D 85 -3.10 19.12 23.21
N SER D 86 -2.44 18.80 24.33
CA SER D 86 -1.95 19.82 25.33
C SER D 86 -1.14 19.04 26.32
N ASN D 87 -0.46 19.72 27.26
CA ASN D 87 0.29 19.00 28.29
C ASN D 87 -0.56 18.24 29.31
N VAL D 88 -1.87 18.52 29.35
CA VAL D 88 -2.79 17.71 30.18
C VAL D 88 -3.60 16.60 29.43
N LEU D 89 -3.35 16.44 28.13
CA LEU D 89 -4.06 15.36 27.38
C LEU D 89 -3.77 13.99 27.98
N PRO D 90 -2.50 13.73 28.39
CA PRO D 90 -2.23 12.40 28.98
C PRO D 90 -3.02 12.08 30.25
N ALA D 91 -3.10 13.05 31.18
CA ALA D 91 -4.01 12.92 32.30
C ALA D 91 -5.46 12.72 31.87
N SER D 92 -5.97 13.44 30.85
CA SER D 92 -7.37 13.25 30.46
C SER D 92 -7.61 11.85 29.89
N CYS D 93 -6.64 11.35 29.12
CA CYS D 93 -6.76 9.98 28.54
C CYS D 93 -6.63 8.91 29.64
N GLU D 94 -5.73 9.09 30.59
CA GLU D 94 -5.70 8.25 31.76
C GLU D 94 -7.05 8.22 32.52
N GLU D 95 -7.72 9.40 32.60
CA GLU D 95 -9.00 9.51 33.24
C GLU D 95 -10.10 8.75 32.56
N ILE D 96 -10.11 8.82 31.22
CA ILE D 96 -11.06 8.01 30.43
C ILE D 96 -10.94 6.52 30.75
N ILE D 97 -9.72 5.99 30.69
CA ILE D 97 -9.52 4.57 31.00
C ILE D 97 -9.92 4.33 32.47
N ASN D 98 -9.44 5.18 33.39
CA ASN D 98 -9.83 5.08 34.85
C ASN D 98 -11.32 5.00 35.10
N SER D 99 -12.10 5.78 34.34
CA SER D 99 -13.55 5.82 34.52
CA SER D 99 -13.55 5.80 34.57
C SER D 99 -14.21 4.47 34.20
N CYS D 100 -13.62 3.73 33.25
CA CYS D 100 -14.12 2.40 32.96
C CYS D 100 -13.82 1.45 34.12
N PHE D 101 -12.61 1.51 34.63
CA PHE D 101 -12.27 0.67 35.77
C PHE D 101 -13.12 1.05 37.03
N ARG D 102 -13.36 2.34 37.23
CA ARG D 102 -14.13 2.77 38.43
C ARG D 102 -15.55 2.24 38.36
N ALA D 103 -16.19 2.41 37.19
CA ALA D 103 -17.53 1.94 37.00
C ALA D 103 -17.67 0.44 36.91
N PHE D 104 -16.77 -0.24 36.16
CA PHE D 104 -17.03 -1.64 35.82
C PHE D 104 -16.01 -2.65 36.34
N GLY D 105 -14.94 -2.16 36.93
CA GLY D 105 -13.83 -3.02 37.42
C GLY D 105 -12.91 -3.65 36.38
N ARG D 106 -13.12 -3.32 35.12
CA ARG D 106 -12.27 -3.90 34.00
C ARG D 106 -12.42 -3.02 32.79
N CYS D 107 -11.54 -3.22 31.80
CA CYS D 107 -11.67 -2.51 30.54
C CYS D 107 -11.15 -3.46 29.44
N ASP D 108 -12.06 -4.05 28.69
CA ASP D 108 -11.67 -5.07 27.70
C ASP D 108 -11.43 -4.49 26.33
N VAL D 109 -12.16 -3.43 26.00
CA VAL D 109 -12.20 -2.90 24.63
C VAL D 109 -12.09 -1.36 24.65
N LEU D 110 -11.22 -0.83 23.76
CA LEU D 110 -11.17 0.65 23.56
C LEU D 110 -11.47 0.88 22.09
N VAL D 111 -12.42 1.78 21.82
CA VAL D 111 -12.74 2.20 20.45
C VAL D 111 -12.34 3.69 20.32
N ASN D 112 -11.32 3.99 19.47
CA ASN D 112 -10.90 5.35 19.19
C ASN D 112 -11.71 5.91 18.03
N ASN D 113 -12.82 6.54 18.36
CA ASN D 113 -13.77 7.01 17.37
C ASN D 113 -13.76 8.54 17.31
N ALA D 114 -13.54 9.28 18.42
CA ALA D 114 -13.62 10.75 18.40
C ALA D 114 -12.65 11.35 17.37
N SER D 115 -13.12 12.42 16.71
CA SER D 115 -12.32 13.00 15.62
C SER D 115 -12.80 14.42 15.28
N ALA D 116 -11.83 15.34 15.10
CA ALA D 116 -12.04 16.65 14.50
C ALA D 116 -11.85 16.56 13.00
N PHE D 117 -12.61 17.32 12.22
CA PHE D 117 -12.53 17.20 10.77
C PHE D 117 -12.90 18.54 10.19
N TYR D 118 -11.97 19.25 9.52
CA TYR D 118 -12.28 20.53 8.89
C TYR D 118 -11.07 20.91 8.03
N PRO D 119 -11.26 21.78 7.03
CA PRO D 119 -10.10 22.10 6.16
C PRO D 119 -9.03 22.97 6.89
N THR D 120 -7.77 22.81 6.46
CA THR D 120 -6.62 23.59 6.92
C THR D 120 -5.80 23.85 5.66
N PRO D 121 -6.25 24.82 4.78
CA PRO D 121 -5.54 25.12 3.50
C PRO D 121 -4.09 25.53 3.74
N LEU D 122 -3.22 25.08 2.85
CA LEU D 122 -1.79 25.39 3.00
C LEU D 122 -1.56 26.83 2.57
N VAL D 123 -2.37 27.33 1.64
CA VAL D 123 -2.17 28.71 1.10
C VAL D 123 -3.35 29.59 1.49
N GLN D 124 -3.06 30.74 2.11
CA GLN D 124 -4.11 31.63 2.70
C GLN D 124 -4.49 32.76 1.75
N GLY D 133 -11.08 31.49 12.34
CA GLY D 133 -11.10 31.86 13.76
C GLY D 133 -9.91 31.34 14.51
N LYS D 134 -9.46 30.14 14.14
CA LYS D 134 -8.43 29.40 14.90
C LYS D 134 -7.02 29.62 14.39
N THR D 135 -6.08 29.69 15.32
CA THR D 135 -4.66 29.79 15.00
C THR D 135 -4.22 28.42 14.43
N VAL D 136 -3.10 28.42 13.71
CA VAL D 136 -2.62 27.14 13.19
C VAL D 136 -2.19 26.19 14.34
N GLU D 137 -1.71 26.75 15.46
CA GLU D 137 -1.27 25.90 16.61
C GLU D 137 -2.54 25.12 17.17
N THR D 138 -3.66 25.83 17.21
CA THR D 138 -4.95 25.21 17.64
C THR D 138 -5.44 24.12 16.65
N GLN D 139 -5.31 24.39 15.36
CA GLN D 139 -5.73 23.41 14.34
C GLN D 139 -4.88 22.16 14.47
N VAL D 140 -3.58 22.35 14.65
CA VAL D 140 -2.68 21.18 14.83
C VAL D 140 -3.14 20.42 16.10
N ALA D 141 -3.37 21.14 17.18
CA ALA D 141 -3.68 20.50 18.46
C ALA D 141 -5.00 19.69 18.37
N GLU D 142 -6.01 20.23 17.69
CA GLU D 142 -7.33 19.56 17.57
C GLU D 142 -7.31 18.40 16.59
N LEU D 143 -6.76 18.64 15.39
CA LEU D 143 -6.79 17.62 14.34
C LEU D 143 -5.78 16.51 14.58
N ILE D 144 -4.54 16.83 15.01
CA ILE D 144 -3.54 15.82 15.37
C ILE D 144 -3.84 15.24 16.77
N GLY D 145 -4.26 16.07 17.71
CA GLY D 145 -4.61 15.50 19.03
C GLY D 145 -5.73 14.48 18.99
N THR D 146 -6.88 14.85 18.40
CA THR D 146 -8.06 13.95 18.45
C THR D 146 -7.85 12.71 17.58
N ASN D 147 -7.24 12.87 16.39
CA ASN D 147 -7.15 11.74 15.45
C ASN D 147 -5.98 10.84 15.73
N ALA D 148 -4.99 11.33 16.46
CA ALA D 148 -3.79 10.52 16.61
C ALA D 148 -3.22 10.49 18.02
N ILE D 149 -2.98 11.65 18.62
CA ILE D 149 -2.28 11.69 19.91
CA ILE D 149 -2.25 11.68 19.90
C ILE D 149 -3.14 11.08 21.03
N ALA D 150 -4.37 11.45 21.03
CA ALA D 150 -5.28 10.93 22.06
C ALA D 150 -5.46 9.41 21.85
N PRO D 151 -5.61 8.95 20.59
CA PRO D 151 -5.56 7.49 20.50
C PRO D 151 -4.32 6.83 21.10
N PHE D 152 -3.13 7.40 20.89
CA PHE D 152 -1.90 6.83 21.40
C PHE D 152 -1.89 6.83 22.93
N LEU D 153 -2.28 7.95 23.54
CA LEU D 153 -2.30 8.08 25.00
C LEU D 153 -3.36 7.12 25.63
N LEU D 154 -4.51 7.06 24.98
CA LEU D 154 -5.54 6.07 25.43
C LEU D 154 -5.08 4.61 25.33
N THR D 155 -4.32 4.31 24.25
CA THR D 155 -3.74 2.99 24.09
C THR D 155 -2.74 2.69 25.19
N MET D 156 -1.84 3.68 25.47
CA MET D 156 -0.89 3.57 26.59
CA MET D 156 -0.88 3.52 26.56
C MET D 156 -1.57 3.27 27.92
N SER D 157 -2.58 4.07 28.25
CA SER D 157 -3.28 3.91 29.55
C SER D 157 -4.04 2.57 29.57
N PHE D 158 -4.73 2.25 28.46
CA PHE D 158 -5.41 0.96 28.35
C PHE D 158 -4.46 -0.18 28.65
N ALA D 159 -3.28 -0.18 28.00
CA ALA D 159 -2.37 -1.33 28.10
C ALA D 159 -1.78 -1.41 29.50
N GLN D 160 -1.49 -0.24 30.07
CA GLN D 160 -0.81 -0.16 31.36
C GLN D 160 -1.73 -0.73 32.43
N ARG D 161 -3.04 -0.46 32.36
CA ARG D 161 -3.98 -1.04 33.40
C ARG D 161 -4.26 -2.60 33.27
N GLN D 162 -3.80 -3.24 32.21
CA GLN D 162 -3.93 -4.70 32.02
C GLN D 162 -2.77 -5.43 32.66
N SER D 172 -8.24 -11.96 28.48
CA SER D 172 -9.43 -12.67 27.99
C SER D 172 -9.61 -12.43 26.46
N ASN D 173 -10.45 -11.44 26.03
CA ASN D 173 -10.41 -10.99 24.63
C ASN D 173 -10.26 -9.47 24.59
N LEU D 174 -9.01 -9.03 24.80
CA LEU D 174 -8.69 -7.60 24.88
C LEU D 174 -8.38 -7.06 23.51
N SER D 175 -9.02 -5.95 23.13
CA SER D 175 -8.65 -5.33 21.85
C SER D 175 -8.99 -3.85 21.74
N ILE D 176 -8.36 -3.23 20.74
CA ILE D 176 -8.56 -1.83 20.44
C ILE D 176 -8.97 -1.70 18.99
N VAL D 177 -9.91 -0.81 18.66
CA VAL D 177 -10.30 -0.61 17.24
C VAL D 177 -10.23 0.89 17.00
N ASN D 178 -9.39 1.31 16.04
CA ASN D 178 -9.25 2.71 15.66
C ASN D 178 -10.10 3.00 14.42
N LEU D 179 -10.88 4.08 14.45
CA LEU D 179 -11.64 4.52 13.27
C LEU D 179 -10.70 5.31 12.38
N CYS D 180 -10.45 4.74 11.22
CA CYS D 180 -9.45 5.22 10.29
C CYS D 180 -10.22 5.88 9.19
N ASP D 181 -9.66 5.95 7.96
CA ASP D 181 -10.37 6.61 6.86
C ASP D 181 -9.93 5.91 5.58
N ALA D 182 -10.91 5.35 4.84
CA ALA D 182 -10.60 4.60 3.57
C ALA D 182 -9.95 5.50 2.48
N MET D 183 -10.16 6.80 2.57
CA MET D 183 -9.75 7.75 1.56
C MET D 183 -8.39 8.42 1.90
N VAL D 184 -7.58 7.80 2.73
CA VAL D 184 -6.37 8.48 3.28
C VAL D 184 -5.33 8.68 2.17
N ASP D 185 -5.36 7.80 1.17
CA ASP D 185 -4.48 7.98 0.03
C ASP D 185 -5.08 8.72 -1.15
N GLN D 186 -6.34 9.13 -1.08
CA GLN D 186 -6.95 9.96 -2.14
C GLN D 186 -7.69 11.06 -1.39
N PRO D 187 -6.90 11.92 -0.70
CA PRO D 187 -7.53 12.81 0.32
C PRO D 187 -8.34 13.96 -0.28
N CYS D 188 -9.26 14.48 0.53
CA CYS D 188 -9.93 15.77 0.22
C CYS D 188 -8.95 16.94 0.11
N MET D 189 -9.17 17.79 -0.88
CA MET D 189 -8.40 19.00 -1.14
C MET D 189 -8.43 19.92 0.08
N ALA D 190 -7.26 20.37 0.55
CA ALA D 190 -7.15 21.27 1.71
C ALA D 190 -7.37 20.66 3.10
N PHE D 191 -7.23 19.33 3.20
CA PHE D 191 -7.40 18.67 4.48
C PHE D 191 -6.08 18.04 4.98
N SER D 192 -4.93 18.71 4.75
CA SER D 192 -3.66 18.07 5.12
CA SER D 192 -3.61 18.16 5.15
C SER D 192 -3.53 17.67 6.60
N LEU D 193 -3.89 18.55 7.54
CA LEU D 193 -3.72 18.18 8.94
C LEU D 193 -4.62 16.96 9.32
N TYR D 194 -5.87 16.97 8.88
CA TYR D 194 -6.76 15.83 9.13
C TYR D 194 -6.12 14.56 8.57
N ASN D 195 -5.66 14.63 7.31
CA ASN D 195 -5.11 13.46 6.61
CA ASN D 195 -5.10 13.45 6.65
C ASN D 195 -3.82 12.96 7.32
N MET D 196 -3.00 13.91 7.77
CA MET D 196 -1.82 13.58 8.58
C MET D 196 -2.23 12.80 9.86
N GLY D 197 -3.22 13.29 10.58
CA GLY D 197 -3.68 12.59 11.78
C GLY D 197 -4.12 11.15 11.49
N LYS D 198 -4.96 10.96 10.46
CA LYS D 198 -5.46 9.61 10.11
C LYS D 198 -4.31 8.73 9.64
N HIS D 199 -3.33 9.28 8.84
CA HIS D 199 -2.14 8.48 8.53
C HIS D 199 -1.36 8.05 9.78
N ALA D 200 -1.21 8.99 10.74
CA ALA D 200 -0.56 8.66 12.01
C ALA D 200 -1.35 7.55 12.71
N LEU D 201 -2.66 7.59 12.61
CA LEU D 201 -3.52 6.56 13.27
C LEU D 201 -3.28 5.13 12.67
N VAL D 202 -3.02 5.11 11.35
CA VAL D 202 -2.64 3.85 10.70
C VAL D 202 -1.34 3.36 11.34
N GLY D 203 -0.33 4.24 11.41
CA GLY D 203 0.96 3.86 12.07
C GLY D 203 0.77 3.37 13.48
N LEU D 204 -0.05 4.09 14.22
CA LEU D 204 -0.37 3.64 15.59
C LEU D 204 -0.99 2.20 15.62
N THR D 205 -2.00 1.98 14.77
CA THR D 205 -2.64 0.66 14.70
C THR D 205 -1.57 -0.44 14.50
N GLN D 206 -0.62 -0.20 13.56
CA GLN D 206 0.43 -1.20 13.29
C GLN D 206 1.43 -1.36 14.41
N SER D 207 1.97 -0.22 14.90
CA SER D 207 2.98 -0.24 15.94
C SER D 207 2.40 -0.83 17.23
N ALA D 208 1.22 -0.40 17.62
CA ALA D 208 0.58 -0.95 18.84
C ALA D 208 0.17 -2.43 18.68
N ALA D 209 -0.29 -2.83 17.48
CA ALA D 209 -0.55 -4.30 17.25
C ALA D 209 0.73 -5.09 17.53
N LEU D 210 1.86 -4.67 16.94
CA LEU D 210 3.12 -5.38 17.16
C LEU D 210 3.52 -5.45 18.66
N GLU D 211 3.45 -4.30 19.31
CA GLU D 211 4.00 -4.14 20.64
C GLU D 211 3.13 -4.76 21.74
N LEU D 212 1.82 -4.75 21.55
CA LEU D 212 0.85 -5.31 22.52
C LEU D 212 0.48 -6.79 22.34
N ALA D 213 0.83 -7.34 21.18
CA ALA D 213 0.59 -8.79 20.92
C ALA D 213 1.11 -9.72 22.05
N PRO D 214 2.31 -9.49 22.58
CA PRO D 214 2.66 -10.37 23.72
C PRO D 214 1.80 -10.26 24.98
N TYR D 215 0.97 -9.21 25.10
CA TYR D 215 0.02 -9.09 26.22
C TYR D 215 -1.38 -9.57 25.88
N GLY D 216 -1.58 -10.08 24.65
CA GLY D 216 -2.86 -10.60 24.25
C GLY D 216 -3.85 -9.51 23.91
N ILE D 217 -3.32 -8.29 23.64
CA ILE D 217 -4.18 -7.17 23.18
C ILE D 217 -4.06 -7.06 21.64
N ARG D 218 -5.18 -7.18 20.93
CA ARG D 218 -5.18 -7.01 19.46
C ARG D 218 -5.50 -5.55 19.17
N VAL D 219 -4.95 -5.05 18.07
CA VAL D 219 -5.22 -3.66 17.67
C VAL D 219 -5.54 -3.63 16.17
N ASN D 220 -6.72 -3.10 15.79
CA ASN D 220 -7.18 -3.13 14.39
C ASN D 220 -7.86 -1.82 14.10
N GLY D 221 -8.23 -1.66 12.85
CA GLY D 221 -8.96 -0.46 12.39
C GLY D 221 -10.17 -0.76 11.52
N VAL D 222 -11.10 0.18 11.47
CA VAL D 222 -12.24 0.14 10.59
C VAL D 222 -12.12 1.48 9.87
N ALA D 223 -12.16 1.43 8.52
CA ALA D 223 -11.92 2.62 7.69
C ALA D 223 -13.17 2.90 6.83
N PRO D 224 -14.04 3.85 7.26
CA PRO D 224 -15.23 4.20 6.46
C PRO D 224 -14.79 4.99 5.23
N GLY D 225 -15.62 4.98 4.16
CA GLY D 225 -15.38 5.87 3.07
C GLY D 225 -16.26 7.07 3.32
N VAL D 226 -17.45 7.05 2.75
CA VAL D 226 -18.49 8.02 3.08
CA VAL D 226 -18.46 8.02 3.14
C VAL D 226 -19.56 7.30 3.91
N SER D 227 -19.77 7.78 5.15
CA SER D 227 -20.80 7.30 6.04
C SER D 227 -21.64 8.54 6.32
N LEU D 228 -22.13 8.70 7.54
CA LEU D 228 -22.96 9.88 7.88
C LEU D 228 -22.22 11.14 7.56
N LEU D 229 -22.78 11.86 6.57
CA LEU D 229 -22.15 13.04 6.02
C LEU D 229 -22.27 14.22 7.02
N PRO D 230 -21.33 15.19 6.95
CA PRO D 230 -21.35 16.25 8.02
C PRO D 230 -22.70 16.99 8.06
N VAL D 231 -23.18 17.29 9.29
CA VAL D 231 -24.44 18.09 9.49
C VAL D 231 -24.42 19.39 8.63
N ALA D 232 -23.25 20.05 8.59
CA ALA D 232 -23.02 21.31 7.85
C ALA D 232 -23.19 21.23 6.33
N MET D 233 -23.04 20.05 5.76
CA MET D 233 -23.04 19.89 4.30
C MET D 233 -24.43 20.06 3.66
N GLY D 234 -24.52 20.87 2.60
CA GLY D 234 -25.77 20.99 1.83
C GLY D 234 -26.13 19.67 1.20
N GLU D 235 -27.42 19.50 0.84
CA GLU D 235 -27.89 18.23 0.28
CA GLU D 235 -27.87 18.23 0.29
C GLU D 235 -27.40 17.95 -1.15
N GLU D 236 -27.09 19.00 -1.93
CA GLU D 236 -26.55 18.77 -3.29
C GLU D 236 -25.13 18.22 -3.20
N GLU D 237 -24.31 18.69 -2.26
CA GLU D 237 -22.96 18.14 -2.11
C GLU D 237 -23.02 16.69 -1.57
N LYS D 238 -23.91 16.44 -0.58
CA LYS D 238 -24.16 15.06 -0.08
C LYS D 238 -24.46 14.08 -1.23
N ASP D 239 -25.36 14.48 -2.11
CA ASP D 239 -25.72 13.69 -3.29
C ASP D 239 -24.59 13.45 -4.31
N LYS D 240 -23.69 14.42 -4.44
CA LYS D 240 -22.51 14.28 -5.34
C LYS D 240 -21.64 13.12 -4.83
N TRP D 241 -21.51 13.06 -3.51
CA TRP D 241 -20.71 12.01 -2.86
C TRP D 241 -21.38 10.68 -2.94
N ARG D 242 -22.68 10.64 -2.63
CA ARG D 242 -23.42 9.39 -2.77
C ARG D 242 -23.25 8.78 -4.15
N ARG D 243 -23.32 9.61 -5.16
CA ARG D 243 -23.30 9.10 -6.55
C ARG D 243 -21.94 8.49 -6.95
N LYS D 244 -20.90 8.70 -6.13
CA LYS D 244 -19.54 8.18 -6.40
C LYS D 244 -19.41 6.72 -5.92
N VAL D 245 -20.29 6.31 -4.99
CA VAL D 245 -20.13 4.99 -4.35
C VAL D 245 -20.64 3.84 -5.27
N PRO D 246 -19.73 2.92 -5.71
CA PRO D 246 -20.16 1.85 -6.62
C PRO D 246 -21.26 0.96 -6.01
N LEU D 247 -21.13 0.60 -4.73
CA LEU D 247 -22.08 -0.37 -4.15
C LEU D 247 -23.28 0.40 -3.59
N GLY D 248 -24.24 0.71 -4.48
CA GLY D 248 -25.51 1.26 -4.08
C GLY D 248 -25.68 2.74 -4.20
N ARG D 249 -24.63 3.49 -4.55
CA ARG D 249 -24.73 4.94 -4.69
C ARG D 249 -25.34 5.58 -3.45
N ARG D 250 -24.85 5.17 -2.31
CA ARG D 250 -25.28 5.70 -1.04
C ARG D 250 -24.14 5.57 -0.05
N GLU D 251 -24.17 6.43 0.97
CA GLU D 251 -23.26 6.36 2.14
C GLU D 251 -23.51 5.13 3.05
N ALA D 252 -22.49 4.68 3.79
CA ALA D 252 -22.72 3.72 4.86
C ALA D 252 -23.62 4.28 5.95
N SER D 253 -24.49 3.42 6.48
CA SER D 253 -25.19 3.72 7.72
C SER D 253 -24.19 3.68 8.85
N ALA D 254 -24.48 4.38 9.96
CA ALA D 254 -23.59 4.23 11.14
C ALA D 254 -23.53 2.78 11.60
N GLU D 255 -24.68 2.09 11.45
CA GLU D 255 -24.77 0.66 11.88
C GLU D 255 -23.84 -0.27 11.08
N GLN D 256 -23.71 0.01 9.82
CA GLN D 256 -22.83 -0.84 8.99
C GLN D 256 -21.36 -0.65 9.40
N ILE D 257 -21.00 0.59 9.70
CA ILE D 257 -19.63 0.85 10.32
C ILE D 257 -19.50 0.07 11.64
N ALA D 258 -20.50 0.18 12.51
CA ALA D 258 -20.46 -0.54 13.83
C ALA D 258 -20.34 -2.04 13.68
N ASP D 259 -20.99 -2.63 12.67
CA ASP D 259 -20.92 -4.10 12.42
C ASP D 259 -19.46 -4.55 12.30
N ALA D 260 -18.62 -3.76 11.58
CA ALA D 260 -17.21 -4.17 11.43
C ALA D 260 -16.44 -4.07 12.76
N VAL D 261 -16.72 -3.04 13.53
CA VAL D 261 -16.17 -2.92 14.90
C VAL D 261 -16.53 -4.14 15.73
N ILE D 262 -17.82 -4.51 15.69
CA ILE D 262 -18.28 -5.69 16.42
C ILE D 262 -17.55 -6.94 15.97
N PHE D 263 -17.37 -7.13 14.67
CA PHE D 263 -16.58 -8.29 14.26
C PHE D 263 -15.18 -8.31 14.88
N LEU D 264 -14.44 -7.20 14.77
CA LEU D 264 -13.06 -7.14 15.24
C LEU D 264 -12.86 -7.36 16.74
N VAL D 265 -13.86 -6.95 17.52
CA VAL D 265 -13.73 -7.22 18.98
C VAL D 265 -14.18 -8.62 19.35
N SER D 266 -14.93 -9.28 18.41
CA SER D 266 -15.52 -10.63 18.70
C SER D 266 -14.51 -11.75 18.80
N GLY D 267 -14.97 -12.91 19.29
CA GLY D 267 -14.12 -14.10 19.30
C GLY D 267 -13.88 -14.64 17.90
N SER D 268 -14.57 -14.12 16.89
CA SER D 268 -14.28 -14.59 15.52
C SER D 268 -13.11 -13.86 14.83
N ALA D 269 -12.46 -12.96 15.60
CA ALA D 269 -11.33 -12.18 15.07
C ALA D 269 -10.10 -12.36 15.94
N GLN D 270 -10.05 -13.50 16.67
CA GLN D 270 -8.93 -13.73 17.64
C GLN D 270 -7.52 -13.86 17.12
N TYR D 271 -7.36 -14.14 15.83
CA TYR D 271 -6.07 -14.16 15.21
C TYR D 271 -5.80 -12.87 14.38
N ILE D 272 -6.72 -11.91 14.42
CA ILE D 272 -6.61 -10.72 13.61
C ILE D 272 -5.96 -9.58 14.45
N THR D 273 -4.76 -9.13 14.03
CA THR D 273 -4.19 -7.90 14.64
C THR D 273 -3.40 -7.14 13.59
N GLY D 274 -3.48 -5.82 13.65
CA GLY D 274 -2.76 -4.94 12.72
C GLY D 274 -3.52 -4.82 11.40
N SER D 275 -4.76 -5.26 11.35
CA SER D 275 -5.60 -5.18 10.09
C SER D 275 -6.53 -3.98 10.11
N ILE D 276 -6.69 -3.34 8.96
CA ILE D 276 -7.64 -2.30 8.81
C ILE D 276 -8.70 -2.69 7.74
N ILE D 277 -9.95 -2.76 8.17
CA ILE D 277 -11.02 -3.21 7.31
C ILE D 277 -11.68 -1.98 6.70
N LYS D 278 -11.61 -1.84 5.36
CA LYS D 278 -12.38 -0.77 4.67
C LYS D 278 -13.84 -1.12 4.66
N VAL D 279 -14.69 -0.13 4.90
CA VAL D 279 -16.13 -0.35 4.88
C VAL D 279 -16.62 0.84 4.04
N ASP D 280 -16.38 0.77 2.72
CA ASP D 280 -16.48 1.98 1.87
C ASP D 280 -17.30 1.80 0.57
N GLY D 281 -17.95 0.64 0.41
CA GLY D 281 -18.82 0.42 -0.80
C GLY D 281 -18.02 0.51 -2.09
N GLY D 282 -16.68 0.31 -2.00
CA GLY D 282 -15.84 0.35 -3.19
C GLY D 282 -15.34 1.75 -3.54
N LEU D 283 -15.66 2.77 -2.72
CA LEU D 283 -15.38 4.20 -3.08
C LEU D 283 -13.88 4.40 -3.32
N SER D 284 -13.04 3.78 -2.50
CA SER D 284 -11.57 4.01 -2.66
C SER D 284 -11.05 3.39 -4.00
N LEU D 285 -11.85 2.55 -4.65
CA LEU D 285 -11.43 1.88 -5.90
C LEU D 285 -11.65 2.74 -7.13
N VAL D 286 -12.41 3.84 -6.98
CA VAL D 286 -12.95 4.59 -8.15
C VAL D 286 -11.88 5.62 -8.53
N HIS D 287 -11.37 5.58 -9.78
CA HIS D 287 -10.38 6.59 -10.24
C HIS D 287 -11.06 7.98 -10.42
N ALA D 288 -10.23 9.02 -10.61
CA ALA D 288 -10.72 10.38 -10.76
C ALA D 288 -11.63 10.46 -11.99
PA NAP E . 1.60 0.47 -26.11
O1A NAP E . 1.96 1.51 -27.13
O2A NAP E . 0.19 0.11 -25.69
O5B NAP E . 2.40 -0.92 -26.43
C5B NAP E . 3.80 -0.95 -26.53
C4B NAP E . 4.18 -2.10 -27.46
O4B NAP E . 3.83 -3.35 -26.89
C3B NAP E . 3.42 -2.18 -28.80
O3B NAP E . 4.01 -1.23 -29.70
C2B NAP E . 3.68 -3.65 -29.24
O2B NAP E . 4.74 -3.83 -30.24
C1B NAP E . 4.03 -4.36 -27.90
N9A NAP E . 3.06 -5.49 -27.78
C8A NAP E . 1.71 -5.50 -27.67
N7A NAP E . 1.23 -6.79 -27.66
C5A NAP E . 2.33 -7.59 -27.85
C6A NAP E . 2.60 -9.06 -28.02
N6A NAP E . 1.56 -9.95 -27.93
N1A NAP E . 3.92 -9.46 -28.24
C2A NAP E . 4.97 -8.56 -28.25
N3A NAP E . 4.81 -7.20 -28.12
C4A NAP E . 3.53 -6.72 -27.94
O3 NAP E . 2.44 0.92 -24.76
PN NAP E . 2.74 2.46 -24.29
O1N NAP E . 4.01 2.96 -25.00
O2N NAP E . 1.46 3.26 -24.44
O5D NAP E . 3.09 2.28 -22.71
C5D NAP E . 4.34 1.60 -22.45
C4D NAP E . 4.26 0.90 -21.09
O4D NAP E . 3.80 1.85 -20.10
C3D NAP E . 3.31 -0.34 -21.07
O3D NAP E . 3.88 -1.37 -20.21
C2D NAP E . 2.05 0.26 -20.41
O2D NAP E . 1.11 -0.67 -19.84
C1D NAP E . 2.64 1.30 -19.41
N1N NAP E . 1.65 2.34 -19.20
C2N NAP E . 1.35 3.26 -20.19
C3N NAP E . 0.39 4.27 -20.00
C7N NAP E . 0.04 5.26 -21.07
O7N NAP E . -0.69 6.23 -20.71
N7N NAP E . 0.50 5.05 -22.36
C4N NAP E . -0.30 4.34 -18.76
C5N NAP E . 0.03 3.37 -17.75
C6N NAP E . 0.99 2.36 -17.98
P2B NAP E . 4.42 -3.74 -31.83
O1X NAP E . 5.83 -4.06 -32.42
O2X NAP E . 3.84 -2.35 -32.06
O3X NAP E . 3.39 -4.82 -32.13
CAG EWT F . -2.84 3.35 -21.82
CAD EWT F . -2.11 2.23 -21.95
SAC EWT F . -1.34 1.55 -23.36
CAB EWT F . -0.77 0.14 -22.43
NAA EWT F . -0.05 -0.90 -22.89
NAF EWT F . -1.17 0.28 -21.16
CAE EWT F . -1.91 1.38 -20.88
CAJ EWT F . -2.42 1.71 -19.68
CAI EWT F . -3.17 2.86 -19.46
CAH EWT F . -3.36 3.71 -20.57
CAR EWT F . -4.14 4.88 -20.56
OAU EWT F . -4.10 5.68 -21.51
NAS EWT F . -5.12 4.92 -19.67
CAT EWT F . -6.16 5.95 -19.75
CAK EWT F . -7.26 5.29 -20.34
CAP EWT F . -7.27 4.62 -21.59
CAO EWT F . -8.47 3.98 -22.04
CL1 EWT F . -8.65 3.07 -23.67
CAN EWT F . -9.61 4.02 -21.23
CL2 EWT F . -11.08 3.29 -21.73
CAM EWT F . -9.60 4.67 -20.00
CAL EWT F . -8.42 5.29 -19.57
S DMS G . -6.00 0.14 -15.74
O DMS G . -7.44 0.19 -15.69
C1 DMS G . -5.32 1.65 -16.25
C2 DMS G . -5.36 0.05 -14.16
PA NAP H . 19.68 12.12 12.38
O1A NAP H . 21.15 12.21 12.22
O2A NAP H . 18.92 11.28 13.40
O5B NAP H . 18.97 13.60 12.52
C5B NAP H . 19.13 14.67 11.61
C4B NAP H . 19.19 16.01 12.32
O4B NAP H . 17.90 16.18 12.82
C3B NAP H . 19.99 16.06 13.63
O3B NAP H . 21.41 16.24 13.32
C2B NAP H . 19.35 17.26 14.37
O2B NAP H . 20.12 18.49 14.19
C1B NAP H . 17.95 17.30 13.67
N9A NAP H . 16.96 17.30 14.76
C8A NAP H . 16.71 16.35 15.69
N7A NAP H . 15.84 16.79 16.62
C5A NAP H . 15.59 18.10 16.29
C6A NAP H . 14.77 19.20 16.84
N6A NAP H . 14.06 19.01 17.98
N1A NAP H . 14.79 20.38 16.17
C2A NAP H . 15.52 20.60 15.04
N3A NAP H . 16.33 19.65 14.44
C4A NAP H . 16.37 18.45 15.08
O3 NAP H . 19.08 11.86 10.85
PN NAP H . 19.79 10.92 9.70
O1N NAP H . 20.79 11.79 8.98
O2N NAP H . 20.19 9.54 10.29
O5D NAP H . 18.50 10.72 8.74
C5D NAP H . 18.02 11.79 7.89
C4D NAP H . 16.53 11.55 7.62
O4D NAP H . 16.40 10.22 7.03
C3D NAP H . 15.62 11.59 8.85
O3D NAP H . 14.36 12.21 8.48
C2D NAP H . 15.41 10.09 9.17
O2D NAP H . 14.22 9.69 9.88
C1D NAP H . 15.42 9.46 7.78
N1N NAP H . 15.85 8.03 7.91
C2N NAP H . 17.14 7.71 8.25
C3N NAP H . 17.53 6.36 8.37
C7N NAP H . 18.93 5.96 8.77
O7N NAP H . 19.21 4.78 8.66
N7N NAP H . 19.86 6.87 9.21
C4N NAP H . 16.57 5.36 8.14
C5N NAP H . 15.27 5.71 7.78
C6N NAP H . 14.89 7.06 7.70
P2B NAP H . 21.30 19.02 15.15
O1X NAP H . 21.71 20.33 14.53
O2X NAP H . 22.31 17.94 15.11
O3X NAP H . 20.61 19.17 16.52
CAG EWT I . 17.73 5.61 11.99
CAD EWT I . 17.16 6.84 12.04
SAC EWT I . 17.85 8.34 12.56
CAB EWT I . 16.35 9.23 12.30
NAA EWT I . 16.18 10.56 12.48
NAF EWT I . 15.45 8.38 11.77
CAE EWT I . 15.86 7.08 11.64
CAJ EWT I . 15.10 6.05 11.19
CAI EWT I . 15.62 4.73 11.11
CAH EWT I . 16.97 4.51 11.49
CAR EWT I . 17.60 3.21 11.48
OAU EWT I . 18.73 3.03 11.97
NAS EWT I . 16.84 2.14 11.15
CAT EWT I . 17.44 0.79 11.26
CAK EWT I . 17.72 0.47 12.63
CAP EWT I . 16.74 0.63 13.63
CAO EWT I . 17.03 0.30 14.97
CL1 EWT I . 15.81 0.50 16.23
CAN EWT I . 18.29 -0.18 15.32
CL2 EWT I . 18.62 -0.59 17.04
CAM EWT I . 19.28 -0.32 14.33
CAL EWT I . 19.00 0.01 12.99
S DMS J . 10.94 2.66 12.34
O DMS J . 10.33 1.79 13.38
C1 DMS J . 12.51 2.37 11.68
C2 DMS J . 10.00 2.44 10.90
PA NAP K . -3.66 -26.12 -0.05
O1A NAP K . -3.85 -27.25 0.93
O2A NAP K . -2.25 -25.80 -0.55
O5B NAP K . -4.59 -26.37 -1.37
C5B NAP K . -6.00 -26.39 -1.23
C4B NAP K . -6.62 -27.22 -2.33
O4B NAP K . -6.42 -26.58 -3.57
C3B NAP K . -5.95 -28.58 -2.56
O3B NAP K . -6.40 -29.55 -1.62
C2B NAP K . -6.30 -28.93 -4.01
O2B NAP K . -7.45 -29.79 -4.13
C1B NAP K . -6.64 -27.54 -4.60
N9A NAP K . -5.77 -27.43 -5.79
C8A NAP K . -4.43 -27.31 -5.89
N7A NAP K . -4.06 -27.32 -7.20
C5A NAP K . -5.17 -27.52 -7.94
C6A NAP K . -5.51 -27.65 -9.40
N6A NAP K . -4.53 -27.56 -10.38
N1A NAP K . -6.81 -27.86 -9.70
C2A NAP K . -7.81 -27.89 -8.74
N3A NAP K . -7.60 -27.75 -7.40
C4A NAP K . -6.31 -27.61 -6.98
O3 NAP K . -4.37 -24.74 0.46
PN NAP K . -4.60 -24.26 2.00
O1N NAP K . -3.30 -24.42 2.75
O2N NAP K . -5.88 -24.85 2.53
O5D NAP K . -4.91 -22.68 1.79
C5D NAP K . -6.14 -22.24 1.17
C4D NAP K . -5.95 -20.84 0.64
O4D NAP K . -5.24 -20.03 1.62
C3D NAP K . -5.08 -20.79 -0.63
O3D NAP K . -5.67 -19.91 -1.57
C2D NAP K . -3.75 -20.21 -0.15
O2D NAP K . -2.83 -19.65 -1.14
C1D NAP K . -4.19 -19.29 0.99
N1N NAP K . -3.13 -19.21 1.97
C2N NAP K . -2.87 -20.26 2.84
C3N NAP K . -1.83 -20.15 3.77
C7N NAP K . -1.47 -21.25 4.75
O7N NAP K . -0.76 -20.95 5.68
N7N NAP K . -1.92 -22.52 4.63
C4N NAP K . -1.12 -18.95 3.78
C5N NAP K . -1.41 -17.90 2.90
C6N NAP K . -2.44 -18.04 1.99
P2B NAP K . -7.46 -31.40 -4.28
O1X NAP K . -6.77 -31.76 -2.97
O2X NAP K . -8.92 -31.75 -4.43
O3X NAP K . -6.63 -31.81 -5.46
CAG EWT L . 1.35 -22.19 2.66
CAD EWT L . 0.50 -22.22 1.61
SAC EWT L . -0.49 -23.54 0.89
CAB EWT L . -1.14 -22.60 -0.24
NAA EWT L . -2.00 -23.05 -1.18
NAF EWT L . -0.66 -21.33 -0.17
CAE EWT L . 0.23 -21.11 0.85
CAJ EWT L . 0.87 -19.95 1.19
CAI EWT L . 1.76 -19.88 2.27
CAH EWT L . 2.03 -21.01 3.05
CAR EWT L . 2.98 -21.01 4.15
OAU EWT L . 2.98 -21.88 5.01
NAS EWT L . 4.01 -20.10 4.08
CAT EWT L . 5.18 -20.09 5.00
CAK EWT L . 6.28 -20.70 4.36
CAP EWT L . 7.35 -21.28 5.03
CAO EWT L . 8.41 -21.88 4.32
CL1 EWT L . 9.81 -22.63 5.02
CAN EWT L . 8.39 -21.91 2.96
CL2 EWT L . 9.72 -22.65 2.19
CAM EWT L . 7.33 -21.34 2.27
CAL EWT L . 6.29 -20.74 2.97
C ACT M . -22.79 -35.93 -4.19
O ACT M . -22.43 -34.93 -4.89
OXT ACT M . -23.95 -36.38 -4.28
CH3 ACT M . -21.86 -36.53 -3.17
PA NAP N . -17.92 13.12 13.95
O1A NAP N . -19.43 13.23 14.09
O2A NAP N . -17.27 14.10 12.97
O5B NAP N . -17.13 13.21 15.34
C5B NAP N . -17.38 12.29 16.39
C4B NAP N . -17.29 12.98 17.75
O4B NAP N . -15.93 13.33 17.97
C3B NAP N . -18.03 14.32 17.93
O3B NAP N . -19.44 14.08 18.19
C2B NAP N . -17.24 15.01 19.06
O2B NAP N . -17.84 14.84 20.36
C1B NAP N . -15.88 14.23 19.05
N9A NAP N . -14.83 15.25 19.04
C8A NAP N . -14.51 16.17 18.09
N7A NAP N . -13.55 17.00 18.57
C5A NAP N . -13.21 16.56 19.83
C6A NAP N . -12.26 16.96 20.91
N6A NAP N . -11.41 18.04 20.72
N1A NAP N . -12.31 16.24 22.08
C2A NAP N . -13.13 15.16 22.27
N3A NAP N . -14.03 14.72 21.34
C4A NAP N . -14.10 15.42 20.14
O3 NAP N . -17.45 11.60 13.59
PN NAP N . -18.30 10.58 12.68
O1N NAP N . -19.34 9.91 13.59
O2N NAP N . -18.76 11.25 11.37
O5D NAP N . -17.18 9.44 12.32
C5D NAP N . -16.64 8.59 13.34
C4D NAP N . -15.20 8.18 12.99
O4D NAP N . -15.15 7.63 11.68
C3D NAP N . -14.23 9.40 12.96
O3D NAP N . -12.97 8.97 13.53
C2D NAP N . -14.06 9.68 11.47
O2D NAP N . -12.86 10.44 11.09
C1D NAP N . -14.21 8.33 10.82
N1N NAP N . -14.76 8.54 9.46
C2N NAP N . -16.04 8.96 9.25
C3N NAP N . -16.51 9.17 7.95
C7N NAP N . -17.91 9.62 7.70
O7N NAP N . -18.20 9.61 6.52
N7N NAP N . -18.70 10.06 8.74
C4N NAP N . -15.63 8.91 6.86
C5N NAP N . -14.29 8.50 7.08
C6N NAP N . -13.90 8.34 8.41
P2B NAP N . -18.96 15.84 21.00
O1X NAP N . -19.28 15.21 22.34
O2X NAP N . -20.06 15.88 19.94
O3X NAP N . -18.20 17.14 21.18
CAG EWT O . -16.63 12.89 7.22
CAD EWT O . -15.97 12.85 8.41
SAC EWT O . -16.52 13.33 10.01
CAB EWT O . -14.98 12.92 10.75
NAA EWT O . -14.68 13.06 12.03
NAF EWT O . -14.14 12.44 9.80
CAE EWT O . -14.65 12.41 8.52
CAJ EWT O . -14.01 11.98 7.38
CAI EWT O . -14.63 12.02 6.11
CAH EWT O . -16.00 12.43 6.04
CAR EWT O . -16.71 12.61 4.82
OAU EWT O . -17.78 13.21 4.81
NAS EWT O . -16.03 12.58 3.69
CAT EWT O . -16.66 13.04 2.43
CAK EWT O . -16.42 14.44 2.28
CAP EWT O . -17.14 15.21 1.36
CAO EWT O . -16.86 16.58 1.20
CL1 EWT O . -17.70 17.56 0.08
CAN EWT O . -15.88 17.22 1.96
CL2 EWT O . -15.58 18.94 1.75
CAM EWT O . -15.15 16.48 2.87
CAL EWT O . -15.43 15.10 3.02
S DMS P . -9.99 12.74 3.93
O DMS P . -9.55 13.92 3.12
C1 DMS P . -11.59 12.09 3.73
C2 DMS P . -9.10 11.37 3.45
#